data_2X8K
#
_entry.id   2X8K
#
_cell.length_a   107.188
_cell.length_b   125.745
_cell.length_c   189.353
_cell.angle_alpha   90.00
_cell.angle_beta   90.00
_cell.angle_gamma   90.00
#
_symmetry.space_group_name_H-M   'I 2 2 2'
#
_entity_poly.entity_id   1
_entity_poly.type   'polypeptide(L)'
_entity_poly.pdbx_seq_one_letter_code
;NIYDILDKVFTMMYDGQDLTDYFLVQEVRGRSVYSIEMGKRTIAGVDGGVITTESLPARELEVDAIVFGDGTETDLRRRI
EYLNFLLHRDTDVPITFSDEPSRTYYGRYEFATEGDEKGGFHKVTLNFYCQDPLKYGPEVTTDVTTASTPVKNTGLAVTN
PTIRCVFSTSATEYEMQLLDGSTVVKFLKVVYGFNTGDTLVIDCHERSVTLNGQDIMPALLIQSDWIQLKPQVNTYLKAT
QPSTIVFTEKFL
;
_entity_poly.pdbx_strand_id   A,B,C
#
# COMPACT_ATOMS: atom_id res chain seq x y z
N LYS A 8 25.34 13.04 -15.89
CA LYS A 8 24.19 12.15 -15.88
C LYS A 8 23.77 11.72 -14.44
N VAL A 9 23.11 12.62 -13.68
CA VAL A 9 22.66 12.30 -12.31
C VAL A 9 21.51 11.27 -12.22
N PHE A 10 21.10 10.98 -10.99
CA PHE A 10 20.00 10.08 -10.70
C PHE A 10 18.70 10.76 -11.11
N THR A 11 17.98 10.19 -12.08
CA THR A 11 16.71 10.78 -12.47
C THR A 11 15.46 10.03 -11.98
N MET A 12 14.45 10.81 -11.54
CA MET A 12 13.13 10.38 -11.18
C MET A 12 12.16 10.97 -12.16
N MET A 13 11.32 10.11 -12.79
CA MET A 13 10.30 10.48 -13.77
C MET A 13 8.92 10.24 -13.15
N TYR A 14 8.08 11.30 -13.06
CA TYR A 14 6.72 11.24 -12.51
C TYR A 14 5.79 11.72 -13.59
N ASP A 15 4.97 10.81 -14.16
CA ASP A 15 4.04 11.13 -15.26
C ASP A 15 4.82 11.64 -16.48
N GLY A 16 5.98 11.06 -16.72
CA GLY A 16 6.83 11.51 -17.82
C GLY A 16 7.49 12.85 -17.62
N GLN A 17 7.49 13.40 -16.40
CA GLN A 17 8.14 14.69 -16.09
C GLN A 17 9.37 14.39 -15.29
N ASP A 18 10.50 14.97 -15.65
CA ASP A 18 11.75 14.74 -14.93
C ASP A 18 11.73 15.69 -13.74
N LEU A 19 11.37 15.16 -12.57
CA LEU A 19 11.27 15.91 -11.33
C LEU A 19 12.62 16.35 -10.83
N THR A 20 13.66 15.56 -11.13
CA THR A 20 15.03 15.84 -10.72
C THR A 20 15.67 17.05 -11.44
N ASP A 21 14.87 17.77 -12.27
CA ASP A 21 15.26 19.02 -12.93
C ASP A 21 14.92 20.14 -11.94
N TYR A 22 14.16 19.80 -10.87
CA TYR A 22 13.67 20.73 -9.85
C TYR A 22 14.27 20.48 -8.48
N PHE A 23 14.73 19.24 -8.23
CA PHE A 23 15.35 18.88 -6.97
C PHE A 23 16.40 17.81 -7.16
N LEU A 24 17.21 17.59 -6.11
CA LEU A 24 18.33 16.69 -6.04
C LEU A 24 17.98 15.57 -5.07
N VAL A 25 18.07 14.31 -5.50
CA VAL A 25 17.68 13.17 -4.67
C VAL A 25 18.77 12.61 -3.77
N GLN A 26 18.58 12.74 -2.44
CA GLN A 26 19.48 12.22 -1.40
C GLN A 26 19.30 10.73 -1.34
N GLU A 27 18.07 10.26 -1.07
CA GLU A 27 17.74 8.84 -0.96
C GLU A 27 16.28 8.56 -1.22
N VAL A 28 15.99 7.33 -1.66
CA VAL A 28 14.65 6.85 -2.00
C VAL A 28 14.37 5.63 -1.16
N ARG A 29 13.55 5.77 -0.12
CA ARG A 29 13.07 4.68 0.74
C ARG A 29 11.70 4.19 0.15
N GLY A 30 11.28 3.00 0.51
CA GLY A 30 10.04 2.45 0.00
C GLY A 30 10.24 1.33 -1.02
N ARG A 31 11.49 1.01 -1.39
CA ARG A 31 11.67 -0.09 -2.34
C ARG A 31 12.70 -1.17 -1.88
N SER A 32 12.58 -1.56 -0.62
CA SER A 32 13.43 -2.56 -0.03
C SER A 32 12.45 -3.68 0.30
N VAL A 33 12.89 -4.58 1.20
CA VAL A 33 12.13 -5.75 1.62
C VAL A 33 10.71 -5.39 2.00
N TYR A 34 9.77 -5.83 1.17
CA TYR A 34 8.36 -5.52 1.38
C TYR A 34 7.80 -6.23 2.60
N SER A 35 6.90 -5.55 3.33
CA SER A 35 6.26 -6.11 4.53
C SER A 35 4.91 -6.69 4.17
N ILE A 36 4.31 -7.52 5.04
CA ILE A 36 3.01 -8.17 4.82
C ILE A 36 2.00 -7.87 5.93
N GLU A 37 0.78 -7.51 5.54
CA GLU A 37 -0.31 -7.31 6.48
C GLU A 37 -0.88 -8.71 6.81
N MET A 38 -0.88 -9.06 8.10
CA MET A 38 -1.39 -10.34 8.58
C MET A 38 -2.44 -10.13 9.64
N GLY A 39 -3.56 -10.82 9.47
CA GLY A 39 -4.63 -10.80 10.46
C GLY A 39 -4.37 -11.86 11.49
N LYS A 40 -4.03 -11.46 12.72
CA LYS A 40 -3.74 -12.43 13.78
C LYS A 40 -4.90 -12.51 14.74
N ARG A 41 -5.26 -13.72 15.19
CA ARG A 41 -6.34 -13.93 16.16
C ARG A 41 -5.83 -14.79 17.30
N THR A 42 -5.99 -14.33 18.54
CA THR A 42 -5.53 -15.10 19.70
C THR A 42 -6.65 -15.39 20.68
N ILE A 43 -6.57 -16.56 21.33
CA ILE A 43 -7.60 -16.99 22.28
C ILE A 43 -6.94 -17.17 23.66
N ALA A 44 -7.55 -16.58 24.72
CA ALA A 44 -7.02 -16.68 26.08
C ALA A 44 -7.00 -18.13 26.53
N GLY A 45 -5.85 -18.55 27.08
CA GLY A 45 -5.63 -19.92 27.54
C GLY A 45 -5.09 -20.83 26.46
N VAL A 46 -5.16 -20.39 25.19
CA VAL A 46 -4.68 -21.16 24.04
C VAL A 46 -3.35 -20.61 23.55
N ASP A 47 -2.30 -21.46 23.56
CA ASP A 47 -0.96 -21.16 23.10
C ASP A 47 -0.95 -20.77 21.63
N GLY A 48 -0.11 -19.81 21.29
CA GLY A 48 0.04 -19.34 19.93
C GLY A 48 -1.03 -18.38 19.46
N GLY A 49 -0.97 -18.11 18.17
CA GLY A 49 -1.90 -17.27 17.44
C GLY A 49 -2.23 -17.92 16.11
N VAL A 50 -3.21 -17.35 15.40
CA VAL A 50 -3.65 -17.88 14.13
C VAL A 50 -3.72 -16.79 13.07
N ILE A 51 -3.00 -16.97 11.95
CA ILE A 51 -3.06 -16.05 10.82
C ILE A 51 -4.42 -16.30 10.17
N THR A 52 -5.20 -15.24 10.06
CA THR A 52 -6.56 -15.30 9.55
C THR A 52 -6.63 -14.75 8.14
N THR A 53 -5.84 -13.71 7.87
CA THR A 53 -5.74 -13.02 6.59
C THR A 53 -4.31 -12.63 6.31
N GLU A 54 -3.96 -12.46 5.03
CA GLU A 54 -2.63 -12.07 4.59
C GLU A 54 -2.78 -11.27 3.30
N SER A 55 -2.25 -10.05 3.26
CA SER A 55 -2.32 -9.19 2.10
C SER A 55 -1.12 -8.28 1.99
N LEU A 56 -0.79 -7.87 0.79
CA LEU A 56 0.28 -6.92 0.54
C LEU A 56 -0.24 -5.51 0.79
N PRO A 57 0.38 -4.73 1.67
CA PRO A 57 -0.07 -3.35 1.83
C PRO A 57 0.23 -2.50 0.59
N ALA A 58 -0.38 -1.32 0.48
CA ALA A 58 -0.10 -0.39 -0.61
C ALA A 58 1.33 0.14 -0.39
N ARG A 59 1.98 0.65 -1.43
CA ARG A 59 3.37 1.10 -1.30
C ARG A 59 3.49 2.59 -1.10
N GLU A 60 4.40 3.00 -0.20
CA GLU A 60 4.71 4.42 0.01
C GLU A 60 6.18 4.62 -0.36
N LEU A 61 6.43 5.39 -1.42
CA LEU A 61 7.77 5.67 -1.86
C LEU A 61 8.15 6.98 -1.20
N GLU A 62 9.30 7.03 -0.53
CA GLU A 62 9.65 8.26 0.13
C GLU A 62 10.91 8.76 -0.42
N VAL A 63 10.84 9.85 -1.21
CA VAL A 63 11.99 10.48 -1.85
C VAL A 63 12.46 11.63 -0.99
N ASP A 64 13.72 11.56 -0.50
CA ASP A 64 14.40 12.59 0.28
C ASP A 64 15.18 13.46 -0.70
N ALA A 65 14.69 14.68 -0.93
CA ALA A 65 15.26 15.59 -1.92
C ALA A 65 15.75 16.93 -1.37
N ILE A 66 16.58 17.60 -2.14
CA ILE A 66 17.06 18.94 -1.87
C ILE A 66 16.57 19.79 -3.03
N VAL A 67 15.74 20.78 -2.74
CA VAL A 67 15.21 21.66 -3.76
C VAL A 67 16.29 22.68 -4.03
N PHE A 68 16.95 22.58 -5.19
CA PHE A 68 18.01 23.53 -5.50
C PHE A 68 17.47 24.89 -5.88
N GLY A 69 17.88 25.88 -5.08
CA GLY A 69 17.53 27.29 -5.22
C GLY A 69 18.15 27.95 -6.44
N ASP A 70 17.44 28.95 -6.99
CA ASP A 70 17.85 29.71 -8.18
C ASP A 70 18.50 31.04 -7.74
N GLY A 71 19.18 31.01 -6.61
CA GLY A 71 19.80 32.20 -6.04
C GLY A 71 18.79 33.12 -5.38
N THR A 72 17.89 33.71 -6.16
CA THR A 72 16.87 34.60 -5.61
C THR A 72 15.85 33.88 -4.71
N GLU A 73 15.18 34.65 -3.87
CA GLU A 73 14.14 34.13 -2.98
C GLU A 73 12.83 33.92 -3.68
N THR A 74 12.41 34.89 -4.50
CA THR A 74 11.16 34.82 -5.29
C THR A 74 11.23 33.68 -6.32
N ASP A 75 12.42 33.47 -6.88
CA ASP A 75 12.70 32.41 -7.84
C ASP A 75 12.45 31.06 -7.16
N LEU A 76 12.89 30.89 -5.91
CA LEU A 76 12.64 29.68 -5.14
C LEU A 76 11.15 29.47 -4.89
N ARG A 77 10.42 30.53 -4.47
CA ARG A 77 8.98 30.45 -4.18
C ARG A 77 8.23 29.98 -5.43
N ARG A 78 8.63 30.52 -6.58
CA ARG A 78 8.02 30.17 -7.85
C ARG A 78 8.37 28.77 -8.33
N ARG A 79 9.56 28.25 -7.99
CA ARG A 79 9.97 26.90 -8.36
C ARG A 79 9.08 25.90 -7.60
N ILE A 80 8.88 26.14 -6.29
CA ILE A 80 8.05 25.31 -5.43
C ILE A 80 6.62 25.27 -5.94
N GLU A 81 6.08 26.43 -6.38
CA GLU A 81 4.72 26.58 -6.92
C GLU A 81 4.59 25.65 -8.11
N TYR A 82 5.62 25.64 -8.98
CA TYR A 82 5.66 24.83 -10.18
C TYR A 82 5.80 23.39 -9.81
N LEU A 83 6.59 23.09 -8.79
CA LEU A 83 6.81 21.72 -8.31
C LEU A 83 5.51 21.15 -7.84
N ASN A 84 4.66 22.00 -7.18
CA ASN A 84 3.32 21.60 -6.74
C ASN A 84 2.46 21.27 -7.92
N PHE A 85 2.59 22.05 -9.01
CA PHE A 85 1.87 21.86 -10.27
C PHE A 85 2.19 20.52 -10.90
N LEU A 86 3.46 20.15 -10.91
CA LEU A 86 3.91 18.88 -11.46
C LEU A 86 3.50 17.68 -10.63
N LEU A 87 3.42 17.85 -9.30
CA LEU A 87 3.11 16.78 -8.38
C LEU A 87 1.65 16.45 -8.16
N HIS A 88 0.76 17.44 -7.99
CA HIS A 88 -0.65 17.18 -7.71
C HIS A 88 -1.36 16.49 -8.87
N ARG A 89 -1.78 15.25 -8.62
CA ARG A 89 -2.43 14.35 -9.55
C ARG A 89 -3.63 13.70 -8.89
N ASP A 90 -4.73 13.57 -9.66
CA ASP A 90 -5.99 12.96 -9.23
C ASP A 90 -6.17 11.57 -9.83
N THR A 91 -5.07 11.02 -10.35
CA THR A 91 -5.00 9.73 -11.04
C THR A 91 -3.61 9.12 -10.87
N ASP A 92 -3.54 7.78 -10.68
CA ASP A 92 -2.27 7.05 -10.55
C ASP A 92 -1.44 7.29 -11.79
N VAL A 93 -0.12 7.35 -11.63
CA VAL A 93 0.78 7.77 -12.71
C VAL A 93 2.07 6.95 -12.78
N PRO A 94 2.70 6.79 -13.97
CA PRO A 94 3.97 6.01 -14.04
C PRO A 94 5.15 6.74 -13.37
N ILE A 95 5.76 6.06 -12.38
CA ILE A 95 6.91 6.56 -11.60
C ILE A 95 8.12 5.67 -11.92
N THR A 96 9.29 6.28 -12.24
CA THR A 96 10.52 5.54 -12.58
C THR A 96 11.76 6.15 -11.97
N PHE A 97 12.77 5.30 -11.66
CA PHE A 97 14.04 5.75 -11.13
C PHE A 97 15.15 5.24 -12.05
N SER A 98 16.16 6.09 -12.34
CA SER A 98 17.28 5.75 -13.20
C SER A 98 18.09 4.57 -12.69
N ASP A 99 18.20 4.38 -11.37
CA ASP A 99 18.94 3.25 -10.81
C ASP A 99 18.24 1.92 -11.05
N GLU A 100 16.95 1.96 -11.35
CA GLU A 100 16.26 0.72 -11.65
C GLU A 100 15.51 0.72 -12.95
N PRO A 101 16.27 0.55 -14.06
CA PRO A 101 15.65 0.50 -15.38
C PRO A 101 14.80 -0.75 -15.55
N SER A 102 13.89 -0.70 -16.53
CA SER A 102 12.95 -1.75 -16.86
C SER A 102 11.98 -1.99 -15.70
N ARG A 103 11.68 -0.93 -14.92
CA ARG A 103 10.75 -1.02 -13.78
C ARG A 103 9.90 0.24 -13.69
N THR A 104 8.58 0.06 -13.58
CA THR A 104 7.63 1.17 -13.46
C THR A 104 6.73 0.97 -12.27
N TYR A 105 6.55 2.02 -11.45
CA TYR A 105 5.68 2.03 -10.28
C TYR A 105 4.45 2.84 -10.69
N TYR A 106 3.27 2.50 -10.15
CA TYR A 106 2.12 3.33 -10.49
C TYR A 106 1.51 3.84 -9.23
N GLY A 107 1.64 5.14 -9.05
CA GLY A 107 1.13 5.83 -7.88
C GLY A 107 1.06 7.34 -8.09
N ARG A 108 0.73 8.07 -7.02
CA ARG A 108 0.67 9.52 -7.08
C ARG A 108 1.19 10.13 -5.85
N TYR A 109 1.75 11.35 -5.98
CA TYR A 109 2.29 12.11 -4.86
C TYR A 109 1.21 12.29 -3.77
N GLU A 110 1.59 12.21 -2.48
CA GLU A 110 0.61 12.36 -1.42
C GLU A 110 0.88 13.51 -0.49
N PHE A 111 2.07 13.54 0.11
CA PHE A 111 2.39 14.58 1.08
C PHE A 111 3.87 14.79 1.20
N ALA A 112 4.22 15.95 1.74
CA ALA A 112 5.60 16.34 1.96
C ALA A 112 5.83 16.69 3.41
N THR A 113 7.05 16.40 3.89
CA THR A 113 7.50 16.72 5.24
C THR A 113 8.78 17.48 5.07
N GLU A 114 8.75 18.77 5.39
CA GLU A 114 9.87 19.70 5.22
C GLU A 114 10.85 19.58 6.36
N GLY A 115 12.10 19.41 6.00
CA GLY A 115 13.18 19.28 7.00
C GLY A 115 13.79 20.62 7.31
N ASP A 116 15.10 20.60 7.69
CA ASP A 116 15.87 21.82 8.04
C ASP A 116 16.83 22.31 6.94
N GLY A 120 22.11 25.23 5.22
CA GLY A 120 22.23 26.05 4.02
C GLY A 120 21.08 25.96 3.02
N PHE A 121 20.45 24.80 2.89
CA PHE A 121 19.28 24.69 2.01
C PHE A 121 18.13 23.75 2.38
N HIS A 122 17.24 23.61 1.41
CA HIS A 122 15.87 23.10 1.47
C HIS A 122 15.67 21.59 1.28
N LYS A 123 15.76 20.84 2.40
CA LYS A 123 15.56 19.39 2.40
C LYS A 123 14.08 19.10 2.56
N VAL A 124 13.54 18.18 1.73
CA VAL A 124 12.13 17.78 1.69
C VAL A 124 12.00 16.26 1.49
N THR A 125 11.01 15.64 2.14
CA THR A 125 10.67 14.24 1.91
C THR A 125 9.36 14.28 1.14
N LEU A 126 9.38 13.78 -0.10
CA LEU A 126 8.18 13.69 -0.90
C LEU A 126 7.68 12.27 -0.73
N ASN A 127 6.41 12.12 -0.38
CA ASN A 127 5.81 10.80 -0.16
C ASN A 127 4.81 10.50 -1.23
N PHE A 128 5.04 9.40 -1.96
CA PHE A 128 4.21 8.93 -3.09
C PHE A 128 3.49 7.67 -2.71
N TYR A 129 2.18 7.64 -2.97
CA TYR A 129 1.33 6.50 -2.63
C TYR A 129 0.98 5.68 -3.81
N CYS A 130 1.21 4.36 -3.71
CA CYS A 130 0.92 3.41 -4.79
C CYS A 130 -0.15 2.42 -4.39
N GLN A 131 -1.37 2.57 -4.95
CA GLN A 131 -2.52 1.66 -4.74
C GLN A 131 -2.08 0.22 -5.05
N ASP A 132 -1.44 0.03 -6.24
CA ASP A 132 -0.84 -1.21 -6.73
C ASP A 132 0.58 -1.29 -6.19
N PRO A 133 0.82 -2.16 -5.18
CA PRO A 133 2.16 -2.28 -4.60
C PRO A 133 3.26 -2.82 -5.51
N LEU A 134 2.93 -3.40 -6.69
CA LEU A 134 3.91 -4.03 -7.58
C LEU A 134 4.58 -3.15 -8.63
N LYS A 135 5.88 -3.43 -8.91
CA LYS A 135 6.64 -2.77 -9.99
C LYS A 135 6.32 -3.60 -11.25
N TYR A 136 6.19 -2.94 -12.37
CA TYR A 136 5.92 -3.55 -13.67
C TYR A 136 7.18 -3.48 -14.51
N GLY A 137 7.58 -4.62 -15.04
CA GLY A 137 8.79 -4.69 -15.84
C GLY A 137 8.59 -4.83 -17.35
N PRO A 138 9.61 -5.37 -18.04
CA PRO A 138 9.51 -5.56 -19.49
C PRO A 138 8.42 -6.53 -19.86
N GLU A 139 7.73 -6.31 -20.97
CA GLU A 139 6.74 -7.26 -21.42
C GLU A 139 7.35 -8.26 -22.37
N VAL A 140 6.96 -9.51 -22.18
CA VAL A 140 7.52 -10.63 -22.97
C VAL A 140 6.43 -11.24 -23.88
N THR A 141 6.79 -11.48 -25.15
CA THR A 141 5.90 -12.08 -26.15
C THR A 141 6.43 -13.47 -26.51
N THR A 142 5.60 -14.49 -26.29
CA THR A 142 5.94 -15.89 -26.59
C THR A 142 4.91 -16.46 -27.57
N ASP A 143 5.35 -17.29 -28.51
CA ASP A 143 4.42 -17.91 -29.45
C ASP A 143 3.81 -19.19 -28.85
N VAL A 144 2.47 -19.34 -28.96
CA VAL A 144 1.78 -20.53 -28.46
C VAL A 144 1.22 -21.31 -29.66
N THR A 145 1.66 -22.55 -29.78
CA THR A 145 1.28 -23.44 -30.88
C THR A 145 0.02 -24.23 -30.55
N THR A 146 -0.44 -25.01 -31.53
CA THR A 146 -1.62 -25.85 -31.44
C THR A 146 -1.37 -27.12 -30.58
N ALA A 147 -0.18 -27.17 -29.92
CA ALA A 147 0.29 -28.23 -29.02
C ALA A 147 0.63 -27.61 -27.67
N SER A 148 0.81 -28.44 -26.62
CA SER A 148 1.18 -27.98 -25.27
C SER A 148 2.54 -27.26 -25.37
N THR A 149 2.52 -25.96 -25.05
CA THR A 149 3.66 -25.06 -25.15
C THR A 149 4.06 -24.59 -23.77
N PRO A 150 5.34 -24.72 -23.37
CA PRO A 150 5.73 -24.15 -22.05
C PRO A 150 5.95 -22.65 -22.19
N VAL A 151 5.37 -21.90 -21.28
CA VAL A 151 5.52 -20.45 -21.27
C VAL A 151 6.02 -20.16 -19.89
N LYS A 152 7.24 -19.63 -19.78
CA LYS A 152 7.84 -19.36 -18.47
C LYS A 152 7.67 -17.91 -18.08
N ASN A 153 7.08 -17.67 -16.91
CA ASN A 153 6.92 -16.31 -16.43
C ASN A 153 8.25 -15.88 -15.75
N THR A 154 9.02 -15.06 -16.47
CA THR A 154 10.33 -14.55 -16.05
C THR A 154 10.31 -13.50 -14.92
N GLY A 155 9.13 -12.99 -14.58
CA GLY A 155 8.94 -12.04 -13.48
C GLY A 155 9.04 -12.76 -12.15
N LEU A 156 8.82 -12.04 -11.05
CA LEU A 156 8.90 -12.65 -9.74
C LEU A 156 7.57 -12.71 -9.03
N ALA A 157 6.52 -12.20 -9.66
CA ALA A 157 5.17 -12.25 -9.15
C ALA A 157 4.24 -12.86 -10.21
N VAL A 158 3.05 -13.33 -9.76
CA VAL A 158 2.02 -13.88 -10.64
C VAL A 158 1.56 -12.76 -11.59
N THR A 159 1.40 -13.11 -12.88
CA THR A 159 0.96 -12.18 -13.91
C THR A 159 -0.26 -12.70 -14.67
N ASN A 160 -0.97 -11.76 -15.33
CA ASN A 160 -2.17 -11.94 -16.15
C ASN A 160 -1.76 -11.62 -17.59
N PRO A 161 -1.83 -12.61 -18.52
CA PRO A 161 -1.35 -12.35 -19.88
C PRO A 161 -2.39 -11.96 -20.93
N THR A 162 -1.92 -11.33 -22.03
CA THR A 162 -2.71 -10.92 -23.19
C THR A 162 -2.52 -11.96 -24.29
N ILE A 163 -3.63 -12.60 -24.70
CA ILE A 163 -3.68 -13.62 -25.76
C ILE A 163 -3.92 -12.87 -27.10
N ARG A 164 -3.14 -13.22 -28.14
CA ARG A 164 -3.24 -12.57 -29.43
C ARG A 164 -3.12 -13.58 -30.58
N CYS A 165 -4.18 -13.65 -31.42
CA CYS A 165 -4.25 -14.55 -32.58
C CYS A 165 -4.70 -13.78 -33.81
N VAL A 166 -3.80 -13.71 -34.80
CA VAL A 166 -4.09 -13.11 -36.09
C VAL A 166 -4.30 -14.26 -37.11
N PHE A 167 -5.59 -14.59 -37.35
CA PHE A 167 -6.08 -15.68 -38.19
C PHE A 167 -5.45 -15.84 -39.56
N SER A 168 -5.10 -17.08 -39.90
CA SER A 168 -4.51 -17.47 -41.17
C SER A 168 -5.58 -18.15 -42.02
N THR A 169 -6.40 -19.02 -41.39
CA THR A 169 -7.51 -19.74 -42.02
C THR A 169 -8.86 -19.34 -41.37
N SER A 170 -9.98 -19.88 -41.89
CA SER A 170 -11.34 -19.63 -41.38
C SER A 170 -11.51 -20.15 -39.94
N ALA A 171 -12.44 -19.56 -39.18
CA ALA A 171 -12.68 -19.95 -37.80
C ALA A 171 -14.15 -20.26 -37.51
N THR A 172 -14.38 -21.12 -36.50
CA THR A 172 -15.70 -21.55 -36.03
C THR A 172 -15.79 -21.35 -34.53
N GLU A 173 -14.70 -21.76 -33.81
CA GLU A 173 -14.54 -21.68 -32.36
C GLU A 173 -13.04 -21.57 -32.00
N TYR A 174 -12.62 -20.44 -31.37
CA TYR A 174 -11.23 -20.27 -30.94
C TYR A 174 -11.11 -20.58 -29.44
N GLU A 175 -10.13 -21.42 -29.07
CA GLU A 175 -9.90 -21.78 -27.68
C GLU A 175 -8.43 -21.74 -27.31
N MET A 176 -8.16 -21.15 -26.15
CA MET A 176 -6.82 -21.09 -25.56
C MET A 176 -6.91 -21.91 -24.28
N GLN A 177 -6.54 -23.20 -24.35
CA GLN A 177 -6.60 -24.07 -23.18
C GLN A 177 -5.32 -24.09 -22.34
N LEU A 178 -5.49 -23.96 -21.01
CA LEU A 178 -4.43 -24.05 -20.01
C LEU A 178 -4.45 -25.52 -19.59
N LEU A 179 -3.29 -26.12 -19.28
CA LEU A 179 -3.30 -27.52 -18.88
C LEU A 179 -2.29 -27.96 -17.83
N ASP A 180 -2.57 -29.12 -17.22
CA ASP A 180 -1.74 -29.81 -16.25
C ASP A 180 -1.45 -31.19 -16.86
N GLY A 181 -0.40 -31.25 -17.67
CA GLY A 181 0.02 -32.44 -18.38
C GLY A 181 -0.85 -32.71 -19.60
N SER A 182 -2.09 -33.14 -19.36
CA SER A 182 -3.07 -33.45 -20.40
C SER A 182 -4.50 -33.16 -19.92
N THR A 183 -4.62 -32.50 -18.75
CA THR A 183 -5.90 -32.15 -18.13
C THR A 183 -6.15 -30.63 -18.19
N VAL A 184 -7.23 -30.20 -18.91
CA VAL A 184 -7.61 -28.78 -19.06
C VAL A 184 -8.07 -28.19 -17.72
N VAL A 185 -7.21 -27.35 -17.11
CA VAL A 185 -7.47 -26.71 -15.80
C VAL A 185 -8.46 -25.55 -15.94
N LYS A 186 -8.16 -24.61 -16.84
CA LYS A 186 -8.96 -23.43 -17.18
C LYS A 186 -8.86 -23.32 -18.71
N PHE A 187 -9.73 -22.50 -19.33
CA PHE A 187 -9.70 -22.27 -20.78
C PHE A 187 -10.38 -20.93 -21.14
N LEU A 188 -10.27 -20.50 -22.41
CA LEU A 188 -10.90 -19.30 -22.98
C LEU A 188 -11.51 -19.71 -24.32
N LYS A 189 -12.82 -19.51 -24.51
CA LYS A 189 -13.51 -19.88 -25.74
C LYS A 189 -14.26 -18.70 -26.36
N VAL A 190 -14.25 -18.60 -27.72
CA VAL A 190 -14.93 -17.59 -28.58
C VAL A 190 -15.56 -18.28 -29.85
N VAL A 191 -16.91 -18.25 -29.99
CA VAL A 191 -17.63 -18.89 -31.12
C VAL A 191 -17.76 -18.03 -32.39
N TYR A 192 -17.36 -16.76 -32.31
CA TYR A 192 -17.36 -15.84 -33.46
C TYR A 192 -16.13 -16.19 -34.33
N GLY A 193 -16.38 -16.55 -35.58
CA GLY A 193 -15.33 -16.93 -36.51
C GLY A 193 -15.22 -16.09 -37.76
N PHE A 194 -13.98 -15.94 -38.28
CA PHE A 194 -13.61 -15.21 -39.50
C PHE A 194 -12.12 -15.47 -39.86
N ASN A 195 -11.54 -14.71 -40.81
CA ASN A 195 -10.15 -14.86 -41.27
C ASN A 195 -9.42 -13.53 -41.46
N THR A 196 -8.10 -13.51 -41.25
CA THR A 196 -7.26 -12.35 -41.56
C THR A 196 -7.11 -11.23 -40.51
N GLY A 197 -7.88 -11.30 -39.44
CA GLY A 197 -7.96 -10.26 -38.42
C GLY A 197 -7.41 -10.77 -37.10
N ASP A 198 -7.15 -9.84 -36.16
CA ASP A 198 -6.54 -10.10 -34.84
C ASP A 198 -7.53 -10.12 -33.66
N THR A 199 -7.69 -11.28 -33.00
CA THR A 199 -8.51 -11.35 -31.78
C THR A 199 -7.55 -10.99 -30.62
N LEU A 200 -8.03 -10.23 -29.60
CA LEU A 200 -7.17 -9.83 -28.48
C LEU A 200 -7.78 -9.97 -27.09
N VAL A 201 -7.45 -11.09 -26.41
CA VAL A 201 -7.94 -11.44 -25.08
C VAL A 201 -6.96 -10.99 -23.96
N ILE A 202 -7.13 -9.76 -23.43
CA ILE A 202 -6.31 -9.22 -22.34
C ILE A 202 -6.93 -9.67 -20.99
N ASP A 203 -6.09 -9.97 -19.99
CA ASP A 203 -6.53 -10.43 -18.69
C ASP A 203 -6.40 -9.37 -17.60
N CYS A 204 -5.49 -8.39 -17.79
CA CYS A 204 -5.30 -7.30 -16.83
C CYS A 204 -6.45 -6.31 -16.94
N HIS A 205 -6.94 -6.07 -18.18
CA HIS A 205 -8.03 -5.14 -18.44
C HIS A 205 -9.36 -5.88 -18.79
N GLU A 206 -9.29 -7.19 -19.07
CA GLU A 206 -10.42 -8.09 -19.38
C GLU A 206 -11.30 -7.67 -20.59
N ARG A 207 -10.68 -7.55 -21.78
CA ARG A 207 -11.33 -7.14 -23.04
C ARG A 207 -11.21 -8.19 -24.17
N SER A 208 -11.92 -7.97 -25.32
CA SER A 208 -11.89 -8.87 -26.48
C SER A 208 -11.99 -8.14 -27.85
N VAL A 209 -10.88 -7.56 -28.33
CA VAL A 209 -10.72 -6.82 -29.60
C VAL A 209 -10.80 -7.74 -30.86
N THR A 210 -11.04 -7.15 -32.05
CA THR A 210 -11.11 -7.90 -33.34
C THR A 210 -10.22 -7.38 -34.52
N LEU A 211 -10.60 -7.71 -35.76
CA LEU A 211 -9.80 -7.41 -36.98
C LEU A 211 -8.97 -6.13 -36.88
N ASN A 212 -9.62 -5.04 -36.46
CA ASN A 212 -8.97 -3.74 -36.28
C ASN A 212 -9.47 -3.03 -35.03
N GLY A 213 -9.53 -3.76 -33.91
CA GLY A 213 -9.92 -3.18 -32.64
C GLY A 213 -11.38 -2.85 -32.36
N GLN A 214 -12.25 -3.86 -32.39
CA GLN A 214 -13.61 -3.74 -31.87
C GLN A 214 -13.89 -4.80 -30.79
N ASP A 215 -14.37 -4.35 -29.61
CA ASP A 215 -14.65 -5.19 -28.44
C ASP A 215 -15.85 -6.14 -28.55
N ILE A 216 -15.55 -7.43 -28.87
CA ILE A 216 -16.49 -8.54 -29.03
C ILE A 216 -16.68 -9.26 -27.67
N MET A 217 -17.36 -8.60 -26.72
CA MET A 217 -17.61 -9.16 -25.38
C MET A 217 -18.64 -10.32 -25.32
N PRO A 218 -19.75 -10.32 -26.10
CA PRO A 218 -20.69 -11.46 -26.02
C PRO A 218 -20.12 -12.84 -26.37
N ALA A 219 -18.99 -12.88 -27.12
CA ALA A 219 -18.34 -14.11 -27.58
C ALA A 219 -17.83 -15.03 -26.46
N LEU A 220 -17.40 -14.47 -25.31
CA LEU A 220 -16.89 -15.22 -24.16
C LEU A 220 -18.06 -15.96 -23.47
N LEU A 221 -18.55 -16.99 -24.15
CA LEU A 221 -19.70 -17.77 -23.73
C LEU A 221 -20.07 -18.25 -22.33
N ILE A 222 -19.13 -18.92 -21.66
CA ILE A 222 -19.45 -19.66 -20.44
C ILE A 222 -18.51 -18.70 -19.69
N GLN A 223 -18.56 -18.67 -18.34
CA GLN A 223 -17.65 -17.83 -17.59
C GLN A 223 -16.27 -18.52 -17.54
N SER A 224 -15.58 -18.51 -18.71
CA SER A 224 -14.26 -19.09 -18.94
C SER A 224 -13.22 -18.40 -18.02
N ASP A 225 -12.61 -19.17 -17.08
CA ASP A 225 -11.67 -18.69 -16.07
C ASP A 225 -10.51 -17.83 -16.59
N TRP A 226 -10.28 -16.67 -15.94
CA TRP A 226 -9.21 -15.72 -16.26
C TRP A 226 -7.86 -16.29 -15.85
N ILE A 227 -6.92 -16.26 -16.78
CA ILE A 227 -5.62 -16.91 -16.59
C ILE A 227 -4.58 -16.12 -15.79
N GLN A 228 -3.66 -16.86 -15.21
CA GLN A 228 -2.51 -16.38 -14.47
C GLN A 228 -1.28 -17.29 -14.63
N LEU A 229 -0.12 -16.66 -14.82
CA LEU A 229 1.20 -17.24 -14.99
C LEU A 229 2.00 -17.15 -13.68
N LYS A 230 2.31 -18.30 -13.02
CA LYS A 230 3.07 -18.33 -11.76
C LYS A 230 4.56 -18.03 -12.03
N PRO A 231 5.30 -17.37 -11.11
CA PRO A 231 6.70 -17.00 -11.43
C PRO A 231 7.74 -18.12 -11.37
N GLN A 232 8.84 -17.95 -12.15
CA GLN A 232 10.02 -18.82 -12.21
C GLN A 232 9.68 -20.28 -12.51
N VAL A 233 8.49 -20.47 -13.11
CA VAL A 233 7.88 -21.75 -13.41
C VAL A 233 7.17 -21.73 -14.79
N ASN A 234 7.24 -22.88 -15.50
CA ASN A 234 6.58 -23.08 -16.81
C ASN A 234 5.08 -23.21 -16.67
N THR A 235 4.35 -22.62 -17.62
CA THR A 235 2.90 -22.66 -17.74
C THR A 235 2.63 -23.29 -19.10
N TYR A 236 1.90 -24.43 -19.11
CA TYR A 236 1.63 -25.16 -20.34
C TYR A 236 0.33 -24.76 -20.99
N LEU A 237 0.44 -24.12 -22.17
CA LEU A 237 -0.69 -23.58 -22.93
C LEU A 237 -0.81 -24.18 -24.33
N LYS A 238 -2.05 -24.43 -24.80
CA LYS A 238 -2.36 -25.00 -26.12
C LYS A 238 -3.53 -24.24 -26.75
N ALA A 239 -3.35 -23.73 -27.97
CA ALA A 239 -4.40 -22.96 -28.65
C ALA A 239 -4.99 -23.64 -29.89
N THR A 240 -6.18 -23.18 -30.35
CA THR A 240 -6.85 -23.73 -31.55
C THR A 240 -6.10 -23.35 -32.82
N GLN A 241 -5.62 -22.10 -32.89
CA GLN A 241 -4.85 -21.55 -34.01
C GLN A 241 -3.53 -20.94 -33.46
N PRO A 242 -2.40 -20.95 -34.24
CA PRO A 242 -1.13 -20.37 -33.72
C PRO A 242 -1.37 -18.97 -33.12
N SER A 243 -1.22 -18.91 -31.79
CA SER A 243 -1.44 -17.71 -31.00
C SER A 243 -0.12 -17.12 -30.53
N THR A 244 -0.25 -16.05 -29.77
CA THR A 244 0.83 -15.33 -29.15
C THR A 244 0.38 -14.98 -27.74
N ILE A 245 1.26 -15.25 -26.77
CA ILE A 245 1.07 -14.91 -25.35
C ILE A 245 2.00 -13.77 -24.97
N VAL A 246 1.41 -12.68 -24.48
CA VAL A 246 2.14 -11.52 -24.02
C VAL A 246 1.75 -11.32 -22.58
N PHE A 247 2.75 -11.37 -21.72
CA PHE A 247 2.63 -11.13 -20.29
C PHE A 247 3.63 -10.04 -19.95
N THR A 248 3.41 -9.37 -18.84
CA THR A 248 4.36 -8.39 -18.37
C THR A 248 4.95 -8.82 -17.03
N GLU A 249 6.31 -8.95 -16.99
CA GLU A 249 7.08 -9.34 -15.80
C GLU A 249 6.72 -8.38 -14.66
N LYS A 250 6.50 -8.92 -13.43
CA LYS A 250 6.16 -8.10 -12.24
C LYS A 250 7.00 -8.46 -11.04
N PHE A 251 7.30 -7.48 -10.18
CA PHE A 251 8.17 -7.70 -9.02
C PHE A 251 7.67 -6.94 -7.82
N LEU A 252 7.96 -7.43 -6.60
CA LEU A 252 7.61 -6.71 -5.36
C LEU A 252 8.78 -5.79 -4.86
N LYS B 8 32.84 -21.35 6.69
CA LYS B 8 31.57 -21.88 7.18
C LYS B 8 30.73 -20.85 7.97
N VAL B 9 30.04 -19.94 7.28
CA VAL B 9 29.25 -18.89 7.96
C VAL B 9 27.95 -19.38 8.63
N PHE B 10 27.29 -18.49 9.37
CA PHE B 10 26.04 -18.78 10.04
C PHE B 10 24.96 -18.87 8.98
N THR B 11 24.32 -20.04 8.85
CA THR B 11 23.26 -20.14 7.85
C THR B 11 21.86 -20.18 8.45
N MET B 12 20.92 -19.49 7.79
CA MET B 12 19.50 -19.49 8.09
C MET B 12 18.81 -20.09 6.87
N MET B 13 17.97 -21.11 7.09
CA MET B 13 17.21 -21.77 6.03
C MET B 13 15.74 -21.38 6.22
N TYR B 14 15.07 -20.95 5.14
CA TYR B 14 13.65 -20.59 5.17
C TYR B 14 13.01 -21.33 4.01
N ASP B 15 12.15 -22.33 4.31
CA ASP B 15 11.50 -23.18 3.30
C ASP B 15 12.56 -23.90 2.43
N GLY B 16 13.63 -24.34 3.07
CA GLY B 16 14.75 -24.98 2.38
C GLY B 16 15.57 -24.07 1.49
N GLN B 17 15.42 -22.74 1.61
CA GLN B 17 16.20 -21.77 0.82
C GLN B 17 17.22 -21.15 1.76
N ASP B 18 18.48 -21.09 1.36
CA ASP B 18 19.54 -20.52 2.19
C ASP B 18 19.46 -19.03 1.96
N LEU B 19 18.83 -18.32 2.90
CA LEU B 19 18.63 -16.87 2.84
C LEU B 19 19.94 -16.12 3.03
N THR B 20 20.88 -16.72 3.78
CA THR B 20 22.18 -16.15 4.04
C THR B 20 23.11 -16.09 2.81
N ASP B 21 22.59 -16.48 1.62
CA ASP B 21 23.28 -16.38 0.34
C ASP B 21 22.95 -14.97 -0.19
N TYR B 22 21.98 -14.28 0.45
CA TYR B 22 21.48 -12.97 0.05
C TYR B 22 21.79 -11.89 1.08
N PHE B 23 21.97 -12.28 2.35
CA PHE B 23 22.33 -11.34 3.40
C PHE B 23 23.21 -11.98 4.45
N LEU B 24 23.81 -11.15 5.29
CA LEU B 24 24.74 -11.48 6.35
C LEU B 24 24.07 -11.24 7.70
N VAL B 25 24.02 -12.25 8.56
CA VAL B 25 23.32 -12.16 9.86
C VAL B 25 24.15 -11.60 11.01
N GLN B 26 23.76 -10.40 11.50
CA GLN B 26 24.34 -9.72 12.65
C GLN B 26 23.90 -10.46 13.90
N GLU B 27 22.58 -10.56 14.13
CA GLU B 27 22.02 -11.24 15.30
C GLU B 27 20.59 -11.69 15.07
N VAL B 28 20.17 -12.72 15.85
CA VAL B 28 18.85 -13.32 15.77
C VAL B 28 18.23 -13.23 17.15
N ARG B 29 17.24 -12.34 17.31
CA ARG B 29 16.45 -12.18 18.52
C ARG B 29 15.14 -13.02 18.37
N GLY B 30 14.47 -13.33 19.46
CA GLY B 30 13.26 -14.12 19.40
C GLY B 30 13.42 -15.55 19.93
N ARG B 31 14.66 -15.95 20.31
CA ARG B 31 14.83 -17.31 20.81
C ARG B 31 15.57 -17.41 22.16
N SER B 32 15.17 -16.56 23.10
CA SER B 32 15.74 -16.53 24.43
C SER B 32 14.59 -16.95 25.35
N VAL B 33 14.70 -16.60 26.64
CA VAL B 33 13.72 -16.89 27.67
C VAL B 33 12.31 -16.44 27.22
N TYR B 34 11.47 -17.41 26.95
CA TYR B 34 10.11 -17.15 26.48
C TYR B 34 9.27 -16.50 27.55
N SER B 35 8.36 -15.58 27.16
CA SER B 35 7.47 -14.88 28.07
C SER B 35 6.10 -15.57 28.03
N ILE B 36 5.23 -15.31 29.05
CA ILE B 36 3.91 -15.94 29.16
C ILE B 36 2.79 -14.94 29.24
N GLU B 37 1.71 -15.16 28.46
CA GLU B 37 0.52 -14.33 28.51
C GLU B 37 -0.30 -14.83 29.72
N MET B 38 -0.58 -13.95 30.68
CA MET B 38 -1.33 -14.28 31.88
C MET B 38 -2.51 -13.36 32.05
N GLY B 39 -3.67 -13.93 32.29
CA GLY B 39 -4.88 -13.17 32.55
C GLY B 39 -4.95 -12.89 34.02
N LYS B 40 -4.78 -11.65 34.43
CA LYS B 40 -4.86 -11.28 35.84
C LYS B 40 -6.19 -10.60 36.15
N ARG B 41 -6.77 -10.90 37.31
CA ARG B 41 -8.03 -10.28 37.74
C ARG B 41 -7.87 -9.77 39.15
N THR B 42 -8.18 -8.50 39.40
CA THR B 42 -8.08 -7.94 40.75
C THR B 42 -9.39 -7.37 41.23
N ILE B 43 -9.67 -7.50 42.53
CA ILE B 43 -10.90 -7.01 43.13
C ILE B 43 -10.55 -5.97 44.18
N ALA B 44 -11.21 -4.78 44.11
CA ALA B 44 -10.97 -3.69 45.04
C ALA B 44 -11.29 -4.12 46.47
N GLY B 45 -10.35 -3.87 47.38
CA GLY B 45 -10.47 -4.24 48.79
C GLY B 45 -9.92 -5.62 49.08
N VAL B 46 -9.66 -6.41 48.02
CA VAL B 46 -9.14 -7.76 48.17
C VAL B 46 -7.67 -7.80 47.81
N ASP B 47 -6.83 -8.24 48.76
CA ASP B 47 -5.39 -8.35 48.58
C ASP B 47 -5.04 -9.34 47.47
N GLY B 48 -4.00 -9.01 46.73
CA GLY B 48 -3.48 -9.83 45.66
C GLY B 48 -4.26 -9.78 44.38
N GLY B 49 -3.84 -10.63 43.46
CA GLY B 49 -4.45 -10.82 42.16
C GLY B 49 -4.66 -12.31 41.92
N VAL B 50 -5.41 -12.64 40.85
CA VAL B 50 -5.71 -14.02 40.51
C VAL B 50 -5.43 -14.27 39.03
N ILE B 51 -4.55 -15.25 38.75
CA ILE B 51 -4.26 -15.65 37.38
C ILE B 51 -5.49 -16.44 36.95
N THR B 52 -6.10 -15.99 35.86
CA THR B 52 -7.33 -16.53 35.33
C THR B 52 -7.05 -17.40 34.12
N THR B 53 -6.07 -17.00 33.30
CA THR B 53 -5.65 -17.69 32.10
C THR B 53 -4.14 -17.60 31.94
N GLU B 54 -3.54 -18.55 31.23
CA GLU B 54 -2.10 -18.62 30.96
C GLU B 54 -1.94 -19.27 29.61
N SER B 55 -1.24 -18.63 28.70
CA SER B 55 -0.96 -19.17 27.37
C SER B 55 0.38 -18.66 26.87
N LEU B 56 0.96 -19.43 25.99
CA LEU B 56 2.21 -19.08 25.34
C LEU B 56 1.88 -18.18 24.17
N PRO B 57 2.47 -16.97 24.10
CA PRO B 57 2.23 -16.13 22.92
C PRO B 57 2.87 -16.73 21.65
N ALA B 58 2.45 -16.29 20.47
CA ALA B 58 3.07 -16.74 19.23
C ALA B 58 4.50 -16.19 19.19
N ARG B 59 5.40 -16.81 18.41
CA ARG B 59 6.79 -16.41 18.37
C ARG B 59 7.13 -15.48 17.25
N GLU B 60 7.92 -14.42 17.54
CA GLU B 60 8.40 -13.51 16.52
C GLU B 60 9.90 -13.61 16.53
N LEU B 61 10.47 -14.08 15.39
CA LEU B 61 11.92 -14.20 15.25
C LEU B 61 12.38 -12.95 14.55
N GLU B 62 13.36 -12.25 15.09
CA GLU B 62 13.85 -11.04 14.43
C GLU B 62 15.27 -11.20 14.04
N VAL B 63 15.51 -11.33 12.74
CA VAL B 63 16.84 -11.47 12.16
C VAL B 63 17.36 -10.12 11.75
N ASP B 64 18.48 -9.68 12.33
CA ASP B 64 19.18 -8.43 12.00
C ASP B 64 20.24 -8.77 10.94
N ALA B 65 19.99 -8.36 9.70
CA ALA B 65 20.89 -8.71 8.60
C ALA B 65 21.49 -7.51 7.85
N ILE B 66 22.55 -7.78 7.09
CA ILE B 66 23.19 -6.82 6.21
C ILE B 66 23.05 -7.43 4.82
N VAL B 67 22.36 -6.73 3.94
CA VAL B 67 22.18 -7.19 2.58
C VAL B 67 23.45 -6.84 1.84
N PHE B 68 24.30 -7.84 1.53
CA PHE B 68 25.55 -7.55 0.85
C PHE B 68 25.30 -7.19 -0.60
N GLY B 69 25.69 -5.95 -0.95
CA GLY B 69 25.54 -5.40 -2.29
C GLY B 69 26.44 -6.06 -3.30
N ASP B 70 26.00 -6.04 -4.58
CA ASP B 70 26.72 -6.64 -5.71
C ASP B 70 27.50 -5.53 -6.48
N GLY B 71 27.95 -4.53 -5.73
CA GLY B 71 28.66 -3.40 -6.30
C GLY B 71 27.79 -2.39 -7.03
N THR B 72 27.00 -2.85 -8.00
CA THR B 72 26.12 -1.97 -8.76
C THR B 72 24.85 -1.64 -7.94
N GLU B 73 24.18 -0.56 -8.33
CA GLU B 73 22.93 -0.14 -7.71
C GLU B 73 21.74 -0.94 -8.18
N THR B 74 21.64 -1.16 -9.50
CA THR B 74 20.55 -1.95 -10.11
C THR B 74 20.61 -3.41 -9.65
N ASP B 75 21.83 -3.92 -9.45
CA ASP B 75 22.11 -5.26 -8.99
C ASP B 75 21.53 -5.42 -7.59
N LEU B 76 21.70 -4.40 -6.72
CA LEU B 76 21.13 -4.39 -5.37
C LEU B 76 19.60 -4.39 -5.42
N ARG B 77 18.99 -3.53 -6.27
CA ARG B 77 17.52 -3.43 -6.41
C ARG B 77 16.95 -4.77 -6.81
N ARG B 78 17.63 -5.45 -7.74
CA ARG B 78 17.21 -6.77 -8.22
C ARG B 78 17.40 -7.89 -7.20
N ARG B 79 18.42 -7.78 -6.32
CA ARG B 79 18.65 -8.78 -5.27
C ARG B 79 17.50 -8.71 -4.28
N ILE B 80 17.10 -7.50 -3.87
CA ILE B 80 16.01 -7.26 -2.94
C ILE B 80 14.68 -7.79 -3.49
N GLU B 81 14.45 -7.59 -4.81
CA GLU B 81 13.26 -8.06 -5.52
C GLU B 81 13.17 -9.59 -5.37
N TYR B 82 14.33 -10.26 -5.57
CA TYR B 82 14.45 -11.69 -5.46
C TYR B 82 14.27 -12.12 -4.04
N LEU B 83 14.82 -11.35 -3.09
CA LEU B 83 14.72 -11.64 -1.65
C LEU B 83 13.26 -11.62 -1.26
N ASN B 84 12.47 -10.67 -1.83
CA ASN B 84 11.03 -10.60 -1.59
C ASN B 84 10.33 -11.85 -2.09
N PHE B 85 10.78 -12.35 -3.27
CA PHE B 85 10.29 -13.57 -3.88
C PHE B 85 10.46 -14.79 -2.99
N LEU B 86 11.65 -14.91 -2.38
CA LEU B 86 11.98 -16.01 -1.48
C LEU B 86 11.24 -15.92 -0.13
N LEU B 87 10.97 -14.70 0.35
CA LEU B 87 10.34 -14.49 1.63
C LEU B 87 8.84 -14.57 1.69
N HIS B 88 8.10 -13.99 0.72
CA HIS B 88 6.63 -13.97 0.78
C HIS B 88 6.04 -15.36 0.66
N ARG B 89 5.40 -15.81 1.75
CA ARG B 89 4.78 -17.12 1.90
C ARG B 89 3.39 -16.97 2.48
N ASP B 90 2.43 -17.76 1.96
CA ASP B 90 1.03 -17.78 2.38
C ASP B 90 0.73 -19.03 3.21
N THR B 91 1.80 -19.70 3.66
CA THR B 91 1.76 -20.93 4.43
C THR B 91 2.97 -20.99 5.37
N ASP B 92 2.78 -21.49 6.62
CA ASP B 92 3.87 -21.65 7.60
C ASP B 92 4.94 -22.56 6.98
N VAL B 93 6.20 -22.28 7.29
CA VAL B 93 7.32 -22.94 6.63
C VAL B 93 8.46 -23.32 7.60
N PRO B 94 9.27 -24.37 7.30
CA PRO B 94 10.37 -24.73 8.20
C PRO B 94 11.49 -23.70 8.19
N ILE B 95 11.80 -23.15 9.38
CA ILE B 95 12.88 -22.16 9.59
C ILE B 95 13.96 -22.79 10.44
N THR B 96 15.24 -22.69 10.01
CA THR B 96 16.38 -23.27 10.74
C THR B 96 17.60 -22.36 10.81
N PHE B 97 18.39 -22.48 11.89
CA PHE B 97 19.62 -21.74 12.10
C PHE B 97 20.75 -22.73 12.35
N SER B 98 21.92 -22.49 11.74
CA SER B 98 23.10 -23.34 11.86
C SER B 98 23.59 -23.49 13.29
N ASP B 99 23.44 -22.44 14.13
CA ASP B 99 23.84 -22.51 15.55
C ASP B 99 22.96 -23.43 16.35
N GLU B 100 21.79 -23.75 15.89
CA GLU B 100 21.03 -24.74 16.62
C GLU B 100 20.50 -25.82 15.74
N PRO B 101 21.32 -26.85 15.58
CA PRO B 101 20.94 -28.05 14.82
C PRO B 101 19.90 -28.88 15.57
N SER B 102 19.20 -29.75 14.83
CA SER B 102 18.10 -30.62 15.30
C SER B 102 16.93 -29.79 15.85
N ARG B 103 16.74 -28.58 15.32
CA ARG B 103 15.66 -27.70 15.75
C ARG B 103 15.04 -27.01 14.53
N THR B 104 13.70 -27.05 14.46
CA THR B 104 12.98 -26.42 13.37
C THR B 104 11.87 -25.57 13.93
N TYR B 105 11.73 -24.36 13.42
CA TYR B 105 10.69 -23.41 13.78
C TYR B 105 9.70 -23.43 12.63
N TYR B 106 8.41 -23.24 12.90
CA TYR B 106 7.49 -23.19 11.77
C TYR B 106 6.77 -21.90 11.81
N GLY B 107 7.09 -21.08 10.82
CA GLY B 107 6.52 -19.74 10.68
C GLY B 107 6.76 -19.17 9.30
N ARG B 108 6.36 -17.91 9.11
CA ARG B 108 6.54 -17.23 7.85
C ARG B 108 6.94 -15.83 8.04
N TYR B 109 7.73 -15.28 7.09
CA TYR B 109 8.18 -13.89 7.11
C TYR B 109 6.98 -12.95 7.24
N GLU B 110 7.11 -11.87 8.00
CA GLU B 110 6.00 -10.95 8.17
C GLU B 110 6.28 -9.53 7.71
N PHE B 111 7.34 -8.91 8.22
CA PHE B 111 7.65 -7.54 7.89
C PHE B 111 9.11 -7.25 8.12
N ALA B 112 9.60 -6.24 7.41
CA ALA B 112 10.95 -5.73 7.52
C ALA B 112 10.94 -4.28 8.02
N THR B 113 11.99 -3.90 8.73
CA THR B 113 12.25 -2.54 9.22
C THR B 113 13.67 -2.22 8.83
N GLU B 114 13.82 -1.39 7.80
CA GLU B 114 15.13 -1.00 7.30
C GLU B 114 15.76 0.01 8.19
N GLY B 115 17.05 -0.15 8.37
CA GLY B 115 17.88 0.80 9.10
C GLY B 115 18.55 1.69 8.08
N ASP B 116 19.70 2.31 8.43
CA ASP B 116 20.49 3.12 7.50
C ASP B 116 21.85 2.44 7.26
N GLY B 120 27.72 3.17 4.49
CA GLY B 120 28.45 2.09 3.86
C GLY B 120 27.54 1.00 3.32
N PHE B 121 26.79 0.32 4.20
CA PHE B 121 25.79 -0.63 3.74
C PHE B 121 24.47 -0.78 4.51
N HIS B 122 23.68 -1.67 3.94
CA HIS B 122 22.24 -1.92 4.02
C HIS B 122 21.74 -2.87 5.13
N LYS B 123 21.52 -2.30 6.34
CA LYS B 123 21.06 -3.02 7.52
C LYS B 123 19.53 -3.15 7.50
N VAL B 124 19.01 -4.36 7.77
CA VAL B 124 17.58 -4.70 7.76
C VAL B 124 17.24 -5.64 8.91
N THR B 125 16.05 -5.45 9.50
CA THR B 125 15.51 -6.40 10.45
C THR B 125 14.41 -7.10 9.73
N LEU B 126 14.51 -8.44 9.65
CA LEU B 126 13.48 -9.26 9.05
C LEU B 126 12.74 -9.89 10.21
N ASN B 127 11.40 -9.76 10.21
CA ASN B 127 10.58 -10.29 11.30
C ASN B 127 9.74 -11.43 10.79
N PHE B 128 9.91 -12.62 11.43
CA PHE B 128 9.23 -13.87 11.08
C PHE B 128 8.25 -14.23 12.16
N TYR B 129 7.01 -14.58 11.77
CA TYR B 129 5.94 -14.91 12.70
C TYR B 129 5.68 -16.37 12.74
N CYS B 130 5.64 -16.92 13.95
CA CYS B 130 5.38 -18.35 14.18
C CYS B 130 4.11 -18.57 14.98
N GLN B 131 3.06 -19.06 14.29
CA GLN B 131 1.75 -19.42 14.91
C GLN B 131 2.00 -20.36 16.09
N ASP B 132 2.78 -21.43 15.84
CA ASP B 132 3.23 -22.43 16.79
C ASP B 132 4.51 -21.92 17.43
N PRO B 133 4.42 -21.50 18.71
CA PRO B 133 5.62 -20.98 19.42
C PRO B 133 6.74 -21.96 19.69
N LEU B 134 6.52 -23.27 19.54
CA LEU B 134 7.51 -24.28 19.86
C LEU B 134 8.49 -24.69 18.76
N LYS B 135 9.76 -24.94 19.14
CA LYS B 135 10.74 -25.48 18.18
C LYS B 135 10.62 -27.00 18.26
N TYR B 136 10.64 -27.64 17.10
CA TYR B 136 10.49 -29.08 16.90
C TYR B 136 11.82 -29.70 16.71
N GLY B 137 12.07 -30.73 17.46
CA GLY B 137 13.33 -31.44 17.35
C GLY B 137 13.22 -32.77 16.65
N PRO B 138 14.21 -33.63 16.91
CA PRO B 138 14.19 -34.99 16.31
C PRO B 138 12.99 -35.82 16.75
N GLU B 139 12.42 -36.64 15.84
CA GLU B 139 11.34 -37.53 16.28
C GLU B 139 11.91 -38.87 16.80
N VAL B 140 11.38 -39.34 17.95
CA VAL B 140 11.84 -40.55 18.60
C VAL B 140 10.78 -41.65 18.49
N THR B 141 11.19 -42.88 18.11
CA THR B 141 10.29 -44.04 18.08
C THR B 141 10.80 -45.03 19.11
N THR B 142 9.95 -45.37 20.08
CA THR B 142 10.29 -46.33 21.13
C THR B 142 9.33 -47.51 21.06
N ASP B 143 9.86 -48.72 21.28
CA ASP B 143 9.04 -49.92 21.26
C ASP B 143 8.42 -50.13 22.64
N VAL B 144 7.11 -50.44 22.69
CA VAL B 144 6.42 -50.74 23.94
C VAL B 144 6.02 -52.20 23.95
N THR B 145 6.52 -52.95 24.94
CA THR B 145 6.30 -54.39 25.08
C THR B 145 5.07 -54.70 25.92
N THR B 146 4.75 -55.98 26.05
CA THR B 146 3.63 -56.51 26.82
C THR B 146 3.93 -56.50 28.34
N ALA B 147 5.04 -55.81 28.73
CA ALA B 147 5.53 -55.61 30.09
C ALA B 147 5.66 -54.10 30.31
N SER B 148 5.77 -53.66 31.58
CA SER B 148 5.93 -52.25 31.93
C SER B 148 7.22 -51.75 31.30
N THR B 149 7.08 -50.79 30.38
CA THR B 149 8.16 -50.23 29.59
C THR B 149 8.30 -48.77 29.96
N PRO B 150 9.51 -48.30 30.34
CA PRO B 150 9.68 -46.87 30.57
C PRO B 150 9.87 -46.18 29.22
N VAL B 151 9.13 -45.11 29.01
CA VAL B 151 9.23 -44.34 27.78
C VAL B 151 9.55 -42.96 28.27
N LYS B 152 10.74 -42.47 27.94
CA LYS B 152 11.18 -41.17 28.42
C LYS B 152 11.01 -40.14 27.32
N ASN B 153 10.29 -39.08 27.64
CA ASN B 153 10.13 -37.99 26.68
C ASN B 153 11.38 -37.08 26.81
N THR B 154 12.28 -37.22 25.82
CA THR B 154 13.55 -36.51 25.77
C THR B 154 13.47 -35.02 25.46
N GLY B 155 12.29 -34.55 25.03
CA GLY B 155 12.03 -33.15 24.75
C GLY B 155 11.90 -32.36 26.04
N LEU B 156 11.59 -31.07 25.94
CA LEU B 156 11.40 -30.25 27.12
C LEU B 156 9.98 -29.78 27.29
N ALA B 157 9.09 -30.18 26.38
CA ALA B 157 7.66 -29.91 26.45
C ALA B 157 6.86 -31.22 26.43
N VAL B 158 5.62 -31.17 27.01
CA VAL B 158 4.68 -32.29 27.08
C VAL B 158 4.30 -32.64 25.65
N THR B 159 4.23 -33.93 25.34
CA THR B 159 3.85 -34.44 24.03
C THR B 159 2.67 -35.40 24.12
N ASN B 160 1.81 -35.42 23.09
CA ASN B 160 0.68 -36.34 22.97
C ASN B 160 1.12 -37.28 21.84
N PRO B 161 1.57 -38.49 22.21
CA PRO B 161 2.20 -39.35 21.20
C PRO B 161 1.24 -40.14 20.34
N THR B 162 1.80 -41.00 19.51
CA THR B 162 1.04 -41.88 18.65
C THR B 162 1.42 -43.30 18.98
N ILE B 163 0.42 -44.10 19.36
CA ILE B 163 0.57 -45.53 19.64
C ILE B 163 0.32 -46.27 18.31
N ARG B 164 1.33 -46.99 17.82
CA ARG B 164 1.27 -47.77 16.59
C ARG B 164 1.51 -49.27 16.85
N CYS B 165 0.52 -50.09 16.49
CA CYS B 165 0.60 -51.53 16.67
C CYS B 165 0.18 -52.28 15.39
N VAL B 166 1.12 -53.07 14.83
CA VAL B 166 0.94 -53.92 13.66
C VAL B 166 0.92 -55.42 14.12
N PHE B 167 -0.32 -55.93 14.28
CA PHE B 167 -0.66 -57.26 14.79
C PHE B 167 0.12 -58.45 14.25
N SER B 168 0.55 -59.32 15.17
CA SER B 168 1.29 -60.54 14.87
C SER B 168 0.35 -61.75 15.02
N THR B 169 -0.49 -61.74 16.07
CA THR B 169 -1.49 -62.77 16.34
C THR B 169 -2.92 -62.17 16.29
N SER B 170 -3.95 -63.01 16.49
CA SER B 170 -5.37 -62.59 16.50
C SER B 170 -5.67 -61.65 17.68
N ALA B 171 -6.69 -60.79 17.52
CA ALA B 171 -7.07 -59.85 18.58
C ALA B 171 -8.55 -59.93 18.94
N THR B 172 -8.88 -59.62 20.20
CA THR B 172 -10.25 -59.62 20.72
C THR B 172 -10.54 -58.26 21.33
N GLU B 173 -9.50 -57.68 21.93
CA GLU B 173 -9.50 -56.38 22.57
C GLU B 173 -8.05 -55.94 22.73
N TYR B 174 -7.75 -54.72 22.28
CA TYR B 174 -6.43 -54.12 22.46
C TYR B 174 -6.51 -53.18 23.67
N GLU B 175 -5.38 -53.00 24.36
CA GLU B 175 -5.24 -52.06 25.46
C GLU B 175 -3.79 -51.61 25.57
N MET B 176 -3.63 -50.34 25.92
CA MET B 176 -2.36 -49.68 26.14
C MET B 176 -2.57 -48.97 27.47
N GLN B 177 -1.83 -49.36 28.51
CA GLN B 177 -2.02 -48.76 29.81
C GLN B 177 -0.83 -48.00 30.33
N LEU B 178 -1.13 -46.87 30.98
CA LEU B 178 -0.18 -45.96 31.62
C LEU B 178 -0.22 -46.30 33.11
N LEU B 179 0.82 -46.95 33.61
CA LEU B 179 0.84 -47.38 34.99
C LEU B 179 1.77 -46.64 35.94
N ASP B 180 1.48 -46.77 37.24
CA ASP B 180 2.26 -46.25 38.37
C ASP B 180 2.67 -47.48 39.18
N GLY B 181 3.79 -48.09 38.79
CA GLY B 181 4.32 -49.29 39.41
C GLY B 181 3.57 -50.54 38.97
N SER B 182 2.33 -50.69 39.45
CA SER B 182 1.46 -51.82 39.14
C SER B 182 -0.01 -51.41 39.16
N THR B 183 -0.26 -50.10 39.23
CA THR B 183 -1.60 -49.51 39.28
C THR B 183 -1.92 -48.77 37.96
N VAL B 184 -2.92 -49.25 37.20
CA VAL B 184 -3.36 -48.66 35.93
C VAL B 184 -3.96 -47.26 36.15
N VAL B 185 -3.21 -46.21 35.77
CA VAL B 185 -3.62 -44.81 35.94
C VAL B 185 -4.63 -44.40 34.89
N LYS B 186 -4.30 -44.63 33.64
CA LYS B 186 -5.12 -44.35 32.46
C LYS B 186 -4.99 -45.61 31.63
N PHE B 187 -5.88 -45.80 30.64
CA PHE B 187 -5.83 -46.91 29.71
C PHE B 187 -6.54 -46.55 28.43
N LEU B 188 -6.19 -47.27 27.35
CA LEU B 188 -6.78 -47.06 26.04
C LEU B 188 -7.30 -48.38 25.43
N LYS B 189 -8.35 -48.95 26.06
CA LYS B 189 -9.01 -50.18 25.62
C LYS B 189 -9.70 -49.95 24.27
N VAL B 190 -9.63 -50.92 23.35
CA VAL B 190 -10.24 -50.86 22.01
C VAL B 190 -10.91 -52.20 21.73
N VAL B 191 -12.18 -52.16 21.33
CA VAL B 191 -12.98 -53.34 21.01
C VAL B 191 -13.24 -53.56 19.51
N TYR B 192 -12.21 -54.06 18.84
CA TYR B 192 -12.22 -54.51 17.44
C TYR B 192 -10.90 -55.25 17.17
N GLY B 193 -11.00 -56.52 16.82
CA GLY B 193 -9.83 -57.36 16.61
C GLY B 193 -9.70 -58.01 15.25
N PHE B 194 -8.43 -58.31 14.87
CA PHE B 194 -8.00 -58.98 13.62
C PHE B 194 -6.47 -59.21 13.65
N ASN B 195 -5.84 -59.70 12.56
CA ASN B 195 -4.40 -59.97 12.47
C ASN B 195 -3.71 -59.38 11.24
N THR B 196 -2.42 -59.03 11.36
CA THR B 196 -1.60 -58.62 10.20
C THR B 196 -1.63 -57.15 9.74
N GLY B 197 -2.50 -56.35 10.34
CA GLY B 197 -2.75 -54.97 9.93
C GLY B 197 -2.34 -54.04 11.05
N ASP B 198 -2.25 -52.72 10.74
CA ASP B 198 -1.78 -51.65 11.62
C ASP B 198 -2.85 -50.73 12.24
N THR B 199 -2.77 -50.56 13.57
CA THR B 199 -3.59 -49.60 14.32
C THR B 199 -2.73 -48.38 14.67
N LEU B 200 -3.35 -47.18 14.66
CA LEU B 200 -2.65 -45.93 15.03
C LEU B 200 -3.51 -45.05 15.90
N VAL B 201 -3.23 -45.07 17.20
CA VAL B 201 -3.96 -44.29 18.20
C VAL B 201 -3.24 -42.95 18.37
N ILE B 202 -3.80 -41.87 17.79
CA ILE B 202 -3.21 -40.53 17.86
C ILE B 202 -3.82 -39.71 19.00
N ASP B 203 -3.04 -39.48 20.06
CA ASP B 203 -3.51 -38.72 21.24
C ASP B 203 -3.61 -37.22 20.97
N CYS B 204 -2.88 -36.70 19.94
CA CYS B 204 -2.94 -35.29 19.54
C CYS B 204 -4.26 -35.03 18.79
N HIS B 205 -4.46 -35.74 17.66
CA HIS B 205 -5.62 -35.64 16.79
C HIS B 205 -6.88 -36.28 17.37
N GLU B 206 -6.74 -37.17 18.39
CA GLU B 206 -7.82 -37.90 19.06
C GLU B 206 -8.66 -38.79 18.09
N ARG B 207 -7.94 -39.55 17.24
CA ARG B 207 -8.51 -40.46 16.24
C ARG B 207 -8.05 -41.93 16.39
N SER B 208 -8.82 -42.88 15.81
CA SER B 208 -8.53 -44.33 15.78
C SER B 208 -8.50 -44.81 14.32
N VAL B 209 -7.50 -45.63 13.96
CA VAL B 209 -7.28 -46.14 12.61
C VAL B 209 -7.00 -47.66 12.61
N THR B 210 -7.69 -48.45 11.76
CA THR B 210 -7.40 -49.87 11.60
C THR B 210 -7.03 -50.23 10.14
N LEU B 211 -6.20 -51.30 9.96
CA LEU B 211 -5.67 -51.79 8.68
C LEU B 211 -4.99 -50.68 7.85
N ASN B 212 -4.54 -49.61 8.56
CA ASN B 212 -3.92 -48.38 8.03
C ASN B 212 -4.70 -47.17 7.45
N GLY B 213 -6.02 -47.32 7.37
CA GLY B 213 -6.89 -46.28 6.85
C GLY B 213 -8.15 -45.81 7.57
N GLN B 214 -9.13 -46.71 7.71
CA GLN B 214 -10.46 -46.42 8.24
C GLN B 214 -10.61 -46.21 9.75
N ASP B 215 -11.54 -45.30 10.12
CA ASP B 215 -11.90 -44.87 11.48
C ASP B 215 -12.56 -45.97 12.32
N ILE B 216 -12.13 -46.10 13.59
CA ILE B 216 -12.67 -47.08 14.56
C ILE B 216 -12.93 -46.33 15.88
N MET B 217 -13.58 -45.15 15.80
CA MET B 217 -13.88 -44.32 16.96
C MET B 217 -14.76 -44.94 18.07
N PRO B 218 -15.84 -45.70 17.74
CA PRO B 218 -16.69 -46.25 18.81
C PRO B 218 -16.09 -47.36 19.67
N ALA B 219 -14.98 -47.99 19.24
CA ALA B 219 -14.31 -49.07 19.97
C ALA B 219 -13.75 -48.68 21.34
N LEU B 220 -13.29 -47.41 21.51
CA LEU B 220 -12.75 -46.89 22.78
C LEU B 220 -13.89 -46.70 23.80
N LEU B 221 -14.43 -47.82 24.26
CA LEU B 221 -15.60 -47.85 25.12
C LEU B 221 -16.14 -46.95 26.23
N ILE B 222 -15.26 -46.57 27.14
CA ILE B 222 -15.65 -46.00 28.43
C ILE B 222 -14.75 -44.82 28.03
N GLN B 223 -14.79 -43.68 28.78
CA GLN B 223 -13.89 -42.57 28.46
C GLN B 223 -12.57 -43.16 28.98
N SER B 224 -11.91 -43.89 28.05
CA SER B 224 -10.63 -44.56 28.13
C SER B 224 -9.69 -43.40 27.93
N ASP B 225 -9.19 -42.89 29.06
CA ASP B 225 -8.34 -41.72 29.15
C ASP B 225 -7.22 -41.64 28.13
N TRP B 226 -7.04 -40.41 27.60
CA TRP B 226 -5.99 -40.06 26.66
C TRP B 226 -4.70 -39.92 27.45
N ILE B 227 -3.57 -40.32 26.83
CA ILE B 227 -2.25 -40.30 27.49
C ILE B 227 -1.29 -39.24 26.96
N GLN B 228 -0.49 -38.64 27.86
CA GLN B 228 0.53 -37.65 27.50
C GLN B 228 1.90 -38.08 28.05
N LEU B 229 2.98 -37.60 27.41
CA LEU B 229 4.34 -37.88 27.84
C LEU B 229 4.95 -36.58 28.45
N LYS B 230 5.13 -36.54 29.77
CA LYS B 230 5.70 -35.36 30.45
C LYS B 230 7.21 -35.31 30.17
N PRO B 231 7.86 -34.11 30.11
CA PRO B 231 9.28 -34.09 29.77
C PRO B 231 10.26 -34.51 30.87
N GLN B 232 11.45 -35.00 30.43
CA GLN B 232 12.60 -35.39 31.28
C GLN B 232 12.26 -36.43 32.34
N VAL B 233 11.15 -37.14 32.09
CA VAL B 233 10.56 -38.09 33.01
C VAL B 233 10.05 -39.32 32.24
N ASN B 234 10.19 -40.50 32.90
CA ASN B 234 9.74 -41.79 32.39
C ASN B 234 8.23 -41.92 32.49
N THR B 235 7.64 -42.54 31.47
CA THR B 235 6.22 -42.80 31.39
C THR B 235 6.18 -44.34 31.25
N TYR B 236 5.66 -45.08 32.25
CA TYR B 236 5.61 -46.53 32.11
C TYR B 236 4.35 -46.95 31.39
N LEU B 237 4.53 -47.71 30.32
CA LEU B 237 3.47 -48.19 29.47
C LEU B 237 3.56 -49.68 29.24
N LYS B 238 2.42 -50.37 29.18
CA LYS B 238 2.30 -51.81 28.98
C LYS B 238 1.21 -52.01 27.92
N ALA B 239 1.50 -52.70 26.80
CA ALA B 239 0.49 -52.93 25.77
C ALA B 239 0.10 -54.43 25.68
N THR B 240 -1.13 -54.72 25.23
CA THR B 240 -1.61 -56.09 25.11
C THR B 240 -0.88 -56.85 23.99
N GLN B 241 -0.25 -56.08 23.08
CA GLN B 241 0.51 -56.59 21.96
C GLN B 241 1.71 -55.66 21.69
N PRO B 242 2.87 -56.19 21.21
CA PRO B 242 4.03 -55.32 20.97
C PRO B 242 3.68 -54.08 20.13
N SER B 243 3.70 -52.92 20.78
CA SER B 243 3.36 -51.64 20.16
C SER B 243 4.61 -50.80 19.92
N THR B 244 4.38 -49.60 19.43
CA THR B 244 5.39 -48.59 19.16
C THR B 244 4.83 -47.26 19.57
N ILE B 245 5.67 -46.45 20.19
CA ILE B 245 5.28 -45.13 20.61
C ILE B 245 6.12 -44.06 19.89
N VAL B 246 5.43 -43.24 19.10
CA VAL B 246 6.05 -42.19 18.30
C VAL B 246 5.74 -40.77 18.81
N PHE B 247 6.82 -40.04 19.18
CA PHE B 247 6.69 -38.68 19.67
C PHE B 247 7.77 -37.82 19.05
N THR B 248 7.53 -36.52 19.00
CA THR B 248 8.58 -35.63 18.51
C THR B 248 9.00 -34.70 19.61
N GLU B 249 10.31 -34.69 19.96
CA GLU B 249 10.90 -33.82 20.98
C GLU B 249 10.53 -32.36 20.64
N LYS B 250 10.07 -31.60 21.65
CA LYS B 250 9.68 -30.18 21.51
C LYS B 250 10.27 -29.31 22.61
N PHE B 251 10.61 -28.09 22.27
CA PHE B 251 11.27 -27.17 23.19
C PHE B 251 10.72 -25.78 23.04
N LEU B 252 10.76 -24.97 24.14
CA LEU B 252 10.36 -23.56 24.06
C LEU B 252 11.55 -22.59 23.75
N LYS C 8 15.83 47.97 3.06
CA LYS C 8 14.53 47.46 2.63
C LYS C 8 14.28 46.03 3.17
N VAL C 9 13.80 45.92 4.40
CA VAL C 9 13.58 44.61 5.03
C VAL C 9 12.41 43.80 4.48
N PHE C 10 12.30 42.55 4.94
CA PHE C 10 11.23 41.64 4.55
C PHE C 10 9.92 42.13 5.16
N THR C 11 8.95 42.49 4.34
CA THR C 11 7.67 42.93 4.88
C THR C 11 6.55 41.90 4.74
N MET C 12 5.73 41.81 5.81
CA MET C 12 4.53 40.98 5.90
C MET C 12 3.34 41.87 6.12
N MET C 13 2.34 41.81 5.22
CA MET C 13 1.11 42.61 5.28
C MET C 13 -0.05 41.72 5.69
N TYR C 14 -0.83 42.18 6.67
CA TYR C 14 -1.98 41.45 7.15
C TYR C 14 -3.11 42.44 7.21
N ASP C 15 -4.12 42.27 6.33
CA ASP C 15 -5.27 43.18 6.22
C ASP C 15 -4.80 44.61 5.90
N GLY C 16 -3.81 44.73 5.04
CA GLY C 16 -3.23 46.01 4.70
C GLY C 16 -2.41 46.67 5.80
N GLN C 17 -2.08 45.95 6.91
CA GLN C 17 -1.27 46.51 7.99
C GLN C 17 0.11 45.88 7.89
N ASP C 18 1.16 46.70 8.02
CA ASP C 18 2.54 46.21 7.93
C ASP C 18 2.88 45.70 9.29
N LEU C 19 2.79 44.36 9.49
CA LEU C 19 3.07 43.72 10.78
C LEU C 19 4.55 43.78 11.14
N THR C 20 5.41 43.80 10.12
CA THR C 20 6.85 43.88 10.31
C THR C 20 7.36 45.23 10.87
N ASP C 21 6.43 46.15 11.20
CA ASP C 21 6.71 47.42 11.86
C ASP C 21 6.71 47.12 13.35
N TYR C 22 6.22 45.91 13.74
CA TYR C 22 6.07 45.47 15.12
C TYR C 22 6.99 44.31 15.48
N PHE C 23 7.39 43.52 14.50
CA PHE C 23 8.30 42.42 14.70
C PHE C 23 9.21 42.19 13.49
N LEU C 24 10.24 41.38 13.69
CA LEU C 24 11.29 41.04 12.74
C LEU C 24 11.13 39.58 12.36
N VAL C 25 11.03 39.27 11.07
CA VAL C 25 10.78 37.89 10.62
C VAL C 25 12.03 37.06 10.40
N GLN C 26 12.20 35.99 11.21
CA GLN C 26 13.27 35.01 11.11
C GLN C 26 12.99 34.12 9.91
N GLU C 27 11.82 33.44 9.89
CA GLU C 27 11.43 32.55 8.81
C GLU C 27 9.94 32.35 8.72
N VAL C 28 9.45 32.00 7.52
CA VAL C 28 8.04 31.78 7.23
C VAL C 28 7.87 30.37 6.68
N ARG C 29 7.32 29.48 7.49
CA ARG C 29 6.99 28.11 7.09
C ARG C 29 5.51 28.09 6.64
N GLY C 30 5.11 27.07 5.91
CA GLY C 30 3.74 26.95 5.41
C GLY C 30 3.61 27.19 3.91
N ARG C 31 4.72 27.54 3.22
CA ARG C 31 4.59 27.78 1.78
C ARG C 31 5.61 27.00 0.91
N SER C 32 5.72 25.70 1.19
CA SER C 32 6.60 24.81 0.46
C SER C 32 5.65 23.84 -0.23
N VAL C 33 6.19 22.69 -0.66
CA VAL C 33 5.48 21.62 -1.34
C VAL C 33 4.20 21.23 -0.60
N TYR C 34 3.06 21.56 -1.15
CA TYR C 34 1.79 21.28 -0.50
C TYR C 34 1.47 19.79 -0.48
N SER C 35 0.83 19.33 0.59
CA SER C 35 0.48 17.93 0.81
C SER C 35 -0.97 17.74 0.45
N ILE C 36 -1.44 16.47 0.32
CA ILE C 36 -2.82 16.13 -0.07
C ILE C 36 -3.46 15.18 0.91
N GLU C 37 -4.71 15.48 1.31
CA GLU C 37 -5.52 14.60 2.14
C GLU C 37 -6.12 13.52 1.24
N MET C 38 -5.83 12.24 1.54
CA MET C 38 -6.29 11.09 0.75
C MET C 38 -7.02 10.11 1.61
N GLY C 39 -8.22 9.74 1.18
CA GLY C 39 -9.00 8.72 1.86
C GLY C 39 -8.62 7.36 1.34
N LYS C 40 -7.97 6.55 2.18
CA LYS C 40 -7.55 5.22 1.76
C LYS C 40 -8.47 4.17 2.37
N ARG C 41 -8.83 3.14 1.60
CA ARG C 41 -9.67 2.04 2.10
C ARG C 41 -8.98 0.72 1.78
N THR C 42 -8.81 -0.13 2.80
CA THR C 42 -8.17 -1.44 2.62
C THR C 42 -9.04 -2.57 3.05
N ILE C 43 -8.93 -3.71 2.35
CA ILE C 43 -9.70 -4.92 2.62
C ILE C 43 -8.73 -6.04 3.00
N ALA C 44 -8.99 -6.71 4.16
CA ALA C 44 -8.17 -7.82 4.65
C ALA C 44 -8.15 -8.94 3.64
N GLY C 45 -6.95 -9.42 3.32
CA GLY C 45 -6.74 -10.49 2.36
C GLY C 45 -6.56 -9.98 0.93
N VAL C 46 -6.90 -8.71 0.70
CA VAL C 46 -6.78 -8.09 -0.62
C VAL C 46 -5.56 -7.17 -0.66
N ASP C 47 -4.64 -7.45 -1.58
CA ASP C 47 -3.41 -6.69 -1.81
C ASP C 47 -3.73 -5.26 -2.22
N GLY C 48 -2.95 -4.32 -1.71
CA GLY C 48 -3.09 -2.90 -1.99
C GLY C 48 -4.19 -2.19 -1.25
N GLY C 49 -4.36 -0.94 -1.59
CA GLY C 49 -5.38 -0.06 -1.04
C GLY C 49 -6.06 0.71 -2.15
N VAL C 50 -7.12 1.47 -1.82
CA VAL C 50 -7.88 2.24 -2.78
C VAL C 50 -8.10 3.66 -2.31
N ILE C 51 -7.70 4.65 -3.13
CA ILE C 51 -7.93 6.07 -2.83
C ILE C 51 -9.42 6.28 -3.09
N THR C 52 -10.12 6.78 -2.07
CA THR C 52 -11.55 6.97 -2.08
C THR C 52 -11.89 8.43 -2.24
N THR C 53 -11.09 9.30 -1.61
CA THR C 53 -11.24 10.75 -1.64
C THR C 53 -9.87 11.42 -1.72
N GLU C 54 -9.81 12.63 -2.24
CA GLU C 54 -8.59 13.41 -2.38
C GLU C 54 -8.99 14.89 -2.29
N SER C 55 -8.40 15.61 -1.34
CA SER C 55 -8.69 17.03 -1.12
C SER C 55 -7.48 17.78 -0.59
N LEU C 56 -7.41 19.05 -0.87
CA LEU C 56 -6.34 19.92 -0.40
C LEU C 56 -6.65 20.33 1.02
N PRO C 57 -5.74 20.10 1.98
CA PRO C 57 -5.98 20.59 3.34
C PRO C 57 -5.94 22.12 3.42
N ALA C 58 -6.45 22.71 4.50
CA ALA C 58 -6.41 24.15 4.68
C ALA C 58 -4.94 24.52 4.96
N ARG C 59 -4.52 25.77 4.73
CA ARG C 59 -3.13 26.14 4.91
C ARG C 59 -2.83 26.79 6.23
N GLU C 60 -1.72 26.40 6.87
CA GLU C 60 -1.26 27.05 8.11
C GLU C 60 0.09 27.72 7.80
N LEU C 61 0.13 29.06 7.90
CA LEU C 61 1.34 29.81 7.66
C LEU C 61 1.97 30.03 9.02
N GLU C 62 3.26 29.76 9.15
CA GLU C 62 3.91 29.87 10.43
C GLU C 62 5.01 30.87 10.33
N VAL C 63 4.80 32.05 10.90
CA VAL C 63 5.79 33.12 10.89
C VAL C 63 6.58 33.11 12.19
N ASP C 64 7.90 32.89 12.11
CA ASP C 64 8.84 32.92 13.25
C ASP C 64 9.40 34.34 13.36
N ALA C 65 8.93 35.09 14.35
CA ALA C 65 9.32 36.49 14.51
C ALA C 65 10.04 36.85 15.83
N ILE C 66 10.68 38.01 15.83
CA ILE C 66 11.32 38.60 16.99
C ILE C 66 10.62 39.93 17.19
N VAL C 67 9.97 40.07 18.34
CA VAL C 67 9.27 41.29 18.67
C VAL C 67 10.32 42.25 19.16
N PHE C 68 10.66 43.27 18.35
CA PHE C 68 11.69 44.23 18.76
C PHE C 68 11.19 45.16 19.82
N GLY C 69 11.84 45.10 20.97
CA GLY C 69 11.52 45.92 22.13
C GLY C 69 11.85 47.39 21.95
N ASP C 70 11.09 48.26 22.64
CA ASP C 70 11.22 49.72 22.59
C ASP C 70 12.05 50.20 23.80
N GLY C 71 13.00 49.38 24.22
CA GLY C 71 13.82 49.67 25.38
C GLY C 71 13.07 49.41 26.68
N THR C 72 12.05 50.21 26.97
CA THR C 72 11.26 50.05 28.19
C THR C 72 10.47 48.74 28.23
N GLU C 73 10.08 48.33 29.43
CA GLU C 73 9.29 47.12 29.65
C GLU C 73 7.83 47.35 29.38
N THR C 74 7.27 48.48 29.87
CA THR C 74 5.87 48.85 29.65
C THR C 74 5.59 49.09 28.15
N ASP C 75 6.58 49.63 27.45
CA ASP C 75 6.52 49.91 26.03
C ASP C 75 6.36 48.59 25.29
N LEU C 76 7.10 47.54 25.70
CA LEU C 76 6.98 46.21 25.12
C LEU C 76 5.58 45.61 25.36
N ARG C 77 5.06 45.71 26.61
CA ARG C 77 3.75 45.18 26.99
C ARG C 77 2.69 45.82 26.10
N ARG C 78 2.80 47.14 25.88
CA ARG C 78 1.86 47.89 25.07
C ARG C 78 1.97 47.59 23.57
N ARG C 79 3.17 47.23 23.09
CA ARG C 79 3.36 46.87 21.69
C ARG C 79 2.64 45.58 21.42
N ILE C 80 2.80 44.58 22.31
CA ILE C 80 2.16 43.28 22.21
C ILE C 80 0.62 43.41 22.22
N GLU C 81 0.08 44.29 23.10
CA GLU C 81 -1.35 44.58 23.22
C GLU C 81 -1.87 45.05 21.86
N TYR C 82 -1.10 45.95 21.22
CA TYR C 82 -1.43 46.53 19.93
C TYR C 82 -1.30 45.48 18.87
N LEU C 83 -0.28 44.63 18.97
CA LEU C 83 -0.05 43.54 18.02
C LEU C 83 -1.24 42.61 18.03
N ASN C 84 -1.81 42.35 19.24
CA ASN C 84 -3.00 41.53 19.39
C ASN C 84 -4.18 42.18 18.67
N PHE C 85 -4.29 43.55 18.79
CA PHE C 85 -5.32 44.35 18.15
C PHE C 85 -5.27 44.21 16.63
N LEU C 86 -4.07 44.26 16.05
CA LEU C 86 -3.88 44.13 14.60
C LEU C 86 -4.14 42.72 14.11
N LEU C 87 -3.86 41.69 14.93
CA LEU C 87 -4.00 40.30 14.56
C LEU C 87 -5.37 39.68 14.67
N HIS C 88 -6.11 39.92 15.76
CA HIS C 88 -7.42 39.28 15.96
C HIS C 88 -8.43 39.77 14.94
N ARG C 89 -8.85 38.83 14.10
CA ARG C 89 -9.80 39.04 13.01
C ARG C 89 -10.87 37.95 13.03
N ASP C 90 -12.13 38.31 12.79
CA ASP C 90 -13.25 37.38 12.74
C ASP C 90 -13.69 37.09 11.31
N THR C 91 -12.82 37.44 10.36
CA THR C 91 -13.02 37.34 8.92
C THR C 91 -11.68 37.12 8.21
N ASP C 92 -11.65 36.26 7.17
CA ASP C 92 -10.42 35.97 6.38
C ASP C 92 -9.94 37.28 5.78
N VAL C 93 -8.62 37.41 5.65
CA VAL C 93 -8.00 38.68 5.30
C VAL C 93 -6.81 38.54 4.32
N PRO C 94 -6.51 39.54 3.48
CA PRO C 94 -5.37 39.41 2.55
C PRO C 94 -4.01 39.46 3.28
N ILE C 95 -3.22 38.39 3.09
CA ILE C 95 -1.88 38.23 3.67
C ILE C 95 -0.84 38.23 2.53
N THR C 96 0.25 39.03 2.67
CA THR C 96 1.29 39.14 1.64
C THR C 96 2.70 39.17 2.22
N PHE C 97 3.68 38.64 1.46
CA PHE C 97 5.09 38.65 1.85
C PHE C 97 5.88 39.30 0.74
N SER C 98 6.86 40.17 1.11
CA SER C 98 7.69 40.90 0.17
C SER C 98 8.51 40.00 -0.73
N ASP C 99 8.93 38.80 -0.23
CA ASP C 99 9.70 37.85 -1.04
C ASP C 99 8.87 37.21 -2.15
N GLU C 100 7.55 37.29 -2.04
CA GLU C 100 6.72 36.77 -3.10
C GLU C 100 5.69 37.74 -3.61
N PRO C 101 6.15 38.68 -4.47
CA PRO C 101 5.24 39.67 -5.07
C PRO C 101 4.25 39.02 -6.03
N SER C 102 3.14 39.74 -6.31
CA SER C 102 2.04 39.31 -7.15
C SER C 102 1.33 38.09 -6.55
N ARG C 103 1.33 37.95 -5.22
CA ARG C 103 0.70 36.80 -4.53
C ARG C 103 0.00 37.24 -3.25
N THR C 104 -1.26 36.80 -3.09
CA THR C 104 -2.04 37.09 -1.90
C THR C 104 -2.62 35.81 -1.32
N TYR C 105 -2.50 35.64 -0.01
CA TYR C 105 -3.05 34.52 0.74
C TYR C 105 -4.29 35.04 1.44
N TYR C 106 -5.30 34.21 1.63
CA TYR C 106 -6.44 34.71 2.40
C TYR C 106 -6.65 33.83 3.61
N GLY C 107 -6.38 34.41 4.77
CA GLY C 107 -6.53 33.74 6.04
C GLY C 107 -6.55 34.70 7.21
N ARG C 108 -6.54 34.14 8.44
CA ARG C 108 -6.51 34.95 9.63
C ARG C 108 -5.66 34.33 10.67
N TYR C 109 -5.05 35.17 11.52
CA TYR C 109 -4.20 34.74 12.63
C TYR C 109 -4.96 33.76 13.54
N GLU C 110 -4.28 32.71 14.04
CA GLU C 110 -4.94 31.72 14.89
C GLU C 110 -4.37 31.63 16.29
N PHE C 111 -3.07 31.35 16.39
CA PHE C 111 -2.44 31.17 17.69
C PHE C 111 -0.96 31.42 17.63
N ALA C 112 -0.40 31.77 18.79
CA ALA C 112 1.00 32.09 18.98
C ALA C 112 1.51 31.11 19.98
N THR C 113 2.79 30.73 19.81
CA THR C 113 3.58 29.85 20.67
C THR C 113 4.87 30.63 20.99
N GLU C 114 5.10 30.93 22.29
CA GLU C 114 6.21 31.76 22.80
C GLU C 114 7.53 31.09 23.02
N GLY C 115 8.56 31.91 23.17
CA GLY C 115 9.94 31.49 23.41
C GLY C 115 10.82 32.52 24.11
N ASP C 116 12.09 32.10 24.41
CA ASP C 116 13.16 32.81 25.13
C ASP C 116 13.63 34.17 24.59
N GLY C 119 18.02 37.32 24.56
CA GLY C 119 17.69 37.87 25.87
C GLY C 119 16.83 39.11 25.79
N GLY C 120 17.46 40.21 25.35
CA GLY C 120 16.82 41.53 25.19
C GLY C 120 15.82 41.62 24.06
N PHE C 121 15.36 40.45 23.54
CA PHE C 121 14.34 40.32 22.50
C PHE C 121 13.53 39.01 22.64
N HIS C 122 12.25 39.08 22.24
CA HIS C 122 11.27 38.02 22.44
C HIS C 122 10.79 37.26 21.16
N LYS C 123 11.27 36.01 20.98
CA LYS C 123 10.98 35.11 19.87
C LYS C 123 9.59 34.52 19.98
N VAL C 124 8.82 34.53 18.87
CA VAL C 124 7.41 34.10 18.79
C VAL C 124 7.14 33.45 17.45
N THR C 125 6.30 32.44 17.43
CA THR C 125 5.86 31.87 16.18
C THR C 125 4.41 32.31 16.15
N LEU C 126 3.99 32.92 15.04
CA LEU C 126 2.61 33.33 14.83
C LEU C 126 2.06 32.35 13.82
N ASN C 127 0.91 31.75 14.11
CA ASN C 127 0.29 30.77 13.23
C ASN C 127 -0.98 31.33 12.62
N PHE C 128 -1.03 31.39 11.28
CA PHE C 128 -2.14 31.94 10.48
C PHE C 128 -2.84 30.82 9.74
N TYR C 129 -4.17 30.78 9.84
CA TYR C 129 -4.98 29.76 9.21
C TYR C 129 -5.67 30.26 8.00
N CYS C 130 -5.53 29.50 6.89
CA CYS C 130 -6.17 29.82 5.62
C CYS C 130 -7.20 28.78 5.20
N GLN C 131 -8.50 29.11 5.31
CA GLN C 131 -9.62 28.25 4.86
C GLN C 131 -9.40 27.84 3.38
N ASP C 132 -9.12 28.85 2.50
CA ASP C 132 -8.77 28.70 1.10
C ASP C 132 -7.25 28.47 1.02
N PRO C 133 -6.82 27.22 0.74
CA PRO C 133 -5.40 26.92 0.67
C PRO C 133 -4.60 27.59 -0.44
N LEU C 134 -5.24 28.19 -1.45
CA LEU C 134 -4.56 28.79 -2.61
C LEU C 134 -4.13 30.23 -2.55
N LYS C 135 -3.00 30.57 -3.20
CA LYS C 135 -2.49 31.94 -3.32
C LYS C 135 -3.14 32.45 -4.56
N TYR C 136 -3.48 33.74 -4.56
CA TYR C 136 -4.12 34.45 -5.64
C TYR C 136 -3.13 35.41 -6.24
N GLY C 137 -2.94 35.31 -7.54
CA GLY C 137 -1.99 36.17 -8.26
C GLY C 137 -2.62 37.29 -9.06
N PRO C 138 -1.88 37.77 -10.08
CA PRO C 138 -2.40 38.83 -10.95
C PRO C 138 -3.64 38.39 -11.72
N GLU C 139 -4.60 39.31 -11.94
CA GLU C 139 -5.77 38.96 -12.73
C GLU C 139 -5.55 39.28 -14.21
N VAL C 140 -5.98 38.38 -15.08
CA VAL C 140 -5.79 38.51 -16.54
C VAL C 140 -7.14 38.70 -17.26
N THR C 141 -7.20 39.67 -18.22
CA THR C 141 -8.39 39.95 -19.04
C THR C 141 -8.12 39.57 -20.49
N THR C 142 -8.94 38.67 -21.04
CA THR C 142 -8.82 38.21 -22.42
C THR C 142 -10.13 38.47 -23.17
N ASP C 143 -10.06 38.85 -24.44
CA ASP C 143 -11.26 39.05 -25.25
C ASP C 143 -11.75 37.74 -25.86
N VAL C 144 -13.06 37.46 -25.76
CA VAL C 144 -13.65 36.26 -26.34
C VAL C 144 -14.58 36.68 -27.49
N THR C 145 -14.28 36.19 -28.69
CA THR C 145 -15.00 36.51 -29.91
C THR C 145 -16.15 35.54 -30.15
N THR C 146 -16.92 35.82 -31.22
CA THR C 146 -18.06 35.02 -31.65
C THR C 146 -17.64 33.70 -32.31
N ALA C 147 -16.33 33.39 -32.28
CA ALA C 147 -15.66 32.20 -32.80
C ALA C 147 -14.92 31.51 -31.65
N SER C 148 -14.49 30.24 -31.85
CA SER C 148 -13.72 29.49 -30.84
C SER C 148 -12.43 30.25 -30.57
N THR C 149 -12.30 30.69 -29.30
CA THR C 149 -11.20 31.50 -28.82
C THR C 149 -10.39 30.73 -27.82
N PRO C 150 -9.05 30.59 -27.99
CA PRO C 150 -8.28 29.93 -26.95
C PRO C 150 -8.01 30.92 -25.81
N VAL C 151 -8.23 30.47 -24.60
CA VAL C 151 -8.00 31.29 -23.41
C VAL C 151 -7.09 30.43 -22.58
N LYS C 152 -5.85 30.88 -22.38
CA LYS C 152 -4.87 30.13 -21.62
C LYS C 152 -4.81 30.58 -20.17
N ASN C 153 -5.00 29.64 -19.23
CA ASN C 153 -4.90 29.96 -17.82
C ASN C 153 -3.43 29.94 -17.41
N THR C 154 -2.83 31.13 -17.27
CA THR C 154 -1.42 31.34 -16.94
C THR C 154 -1.00 31.00 -15.49
N GLY C 155 -1.98 30.75 -14.62
CA GLY C 155 -1.76 30.33 -13.25
C GLY C 155 -1.33 28.88 -13.21
N LEU C 156 -1.16 28.31 -12.00
CA LEU C 156 -0.75 26.92 -11.89
C LEU C 156 -1.79 26.04 -11.28
N ALA C 157 -2.94 26.61 -10.94
CA ALA C 157 -4.10 25.91 -10.42
C ALA C 157 -5.34 26.23 -11.25
N VAL C 158 -6.37 25.37 -11.12
CA VAL C 158 -7.65 25.57 -11.80
C VAL C 158 -8.28 26.84 -11.27
N THR C 159 -8.85 27.66 -12.17
CA THR C 159 -9.51 28.92 -11.85
C THR C 159 -10.94 28.93 -12.35
N ASN C 160 -11.80 29.67 -11.65
CA ASN C 160 -13.22 29.87 -11.93
C ASN C 160 -13.30 31.31 -12.44
N PRO C 161 -13.45 31.47 -13.77
CA PRO C 161 -13.38 32.82 -14.36
C PRO C 161 -14.60 33.71 -14.18
N THR C 162 -14.55 34.87 -14.84
CA THR C 162 -15.62 35.86 -14.83
C THR C 162 -15.81 36.35 -16.26
N ILE C 163 -17.04 36.23 -16.78
CA ILE C 163 -17.42 36.66 -18.14
C ILE C 163 -18.17 37.99 -18.09
N ARG C 164 -17.65 38.99 -18.85
CA ARG C 164 -18.14 40.36 -18.97
C ARG C 164 -18.44 40.71 -20.45
N CYS C 165 -19.72 41.00 -20.79
CA CYS C 165 -20.14 41.37 -22.16
C CYS C 165 -21.00 42.64 -22.25
N VAL C 166 -20.41 43.74 -22.81
CA VAL C 166 -21.07 45.05 -23.01
C VAL C 166 -21.64 45.16 -24.44
N PHE C 167 -22.95 44.84 -24.57
CA PHE C 167 -23.72 44.77 -25.80
C PHE C 167 -23.59 45.93 -26.78
N SER C 168 -23.42 45.58 -28.06
CA SER C 168 -23.32 46.52 -29.18
C SER C 168 -24.65 46.52 -29.95
N THR C 169 -25.25 45.32 -30.15
CA THR C 169 -26.54 45.13 -30.82
C THR C 169 -27.58 44.53 -29.84
N SER C 170 -28.84 44.35 -30.31
CA SER C 170 -29.96 43.78 -29.54
C SER C 170 -29.71 42.31 -29.20
N ALA C 171 -30.32 41.84 -28.11
CA ALA C 171 -30.14 40.45 -27.67
C ALA C 171 -31.46 39.73 -27.44
N THR C 172 -31.46 38.40 -27.62
CA THR C 172 -32.61 37.51 -27.42
C THR C 172 -32.22 36.40 -26.42
N GLU C 173 -30.93 35.97 -26.49
CA GLU C 173 -30.31 34.94 -25.65
C GLU C 173 -28.75 35.03 -25.73
N TYR C 174 -28.06 35.20 -24.55
CA TYR C 174 -26.58 35.24 -24.43
C TYR C 174 -25.98 33.89 -23.97
N GLU C 175 -25.09 33.34 -24.80
CA GLU C 175 -24.46 32.04 -24.63
C GLU C 175 -22.92 32.11 -24.65
N MET C 176 -22.27 31.36 -23.72
CA MET C 176 -20.83 31.21 -23.59
C MET C 176 -20.51 29.72 -23.55
N GLN C 177 -20.06 29.16 -24.69
CA GLN C 177 -19.77 27.73 -24.81
C GLN C 177 -18.30 27.26 -24.71
N LEU C 178 -18.02 26.34 -23.76
CA LEU C 178 -16.70 25.72 -23.55
C LEU C 178 -16.68 24.47 -24.42
N LEU C 179 -15.84 24.48 -25.47
CA LEU C 179 -15.79 23.40 -26.47
C LEU C 179 -14.50 22.60 -26.56
N ASP C 180 -14.62 21.42 -27.20
CA ASP C 180 -13.54 20.50 -27.53
C ASP C 180 -13.56 20.36 -29.08
N GLY C 181 -12.86 21.29 -29.74
CA GLY C 181 -12.79 21.36 -31.18
C GLY C 181 -14.03 21.97 -31.80
N SER C 182 -15.13 21.21 -31.77
CA SER C 182 -16.43 21.64 -32.30
C SER C 182 -17.58 21.00 -31.52
N THR C 183 -17.25 20.36 -30.38
CA THR C 183 -18.20 19.68 -29.50
C THR C 183 -18.39 20.46 -28.19
N VAL C 184 -19.61 20.97 -27.94
CA VAL C 184 -19.96 21.74 -26.72
C VAL C 184 -19.90 20.83 -25.48
N VAL C 185 -18.83 20.99 -24.68
CA VAL C 185 -18.61 20.21 -23.44
C VAL C 185 -19.47 20.78 -22.31
N LYS C 186 -19.44 22.12 -22.17
CA LYS C 186 -20.18 22.90 -21.19
C LYS C 186 -20.57 24.20 -21.89
N PHE C 187 -21.54 24.93 -21.33
CA PHE C 187 -22.00 26.21 -21.88
C PHE C 187 -22.73 27.03 -20.82
N LEU C 188 -22.93 28.35 -21.06
CA LEU C 188 -23.62 29.27 -20.14
C LEU C 188 -24.58 30.21 -20.91
N LYS C 189 -25.87 29.87 -20.99
CA LYS C 189 -26.85 30.74 -21.66
C LYS C 189 -27.72 31.58 -20.72
N VAL C 190 -28.37 32.60 -21.29
CA VAL C 190 -29.31 33.50 -20.56
C VAL C 190 -30.42 34.01 -21.51
N VAL C 191 -31.72 33.90 -21.14
CA VAL C 191 -32.87 34.35 -21.98
C VAL C 191 -33.15 35.88 -22.01
N TYR C 192 -32.50 36.65 -21.12
CA TYR C 192 -32.72 38.10 -20.97
C TYR C 192 -31.90 38.91 -21.98
N GLY C 193 -32.61 39.66 -22.83
CA GLY C 193 -31.98 40.46 -23.86
C GLY C 193 -32.23 41.94 -23.80
N PHE C 194 -31.23 42.75 -24.28
CA PHE C 194 -31.24 44.21 -24.39
C PHE C 194 -29.94 44.71 -25.08
N ASN C 195 -29.73 46.04 -25.19
CA ASN C 195 -28.54 46.65 -25.81
C ASN C 195 -27.85 47.75 -24.98
N THR C 196 -26.54 47.91 -25.15
CA THR C 196 -25.80 49.03 -24.55
C THR C 196 -25.29 48.90 -23.10
N GLY C 197 -25.62 47.80 -22.44
CA GLY C 197 -25.32 47.56 -21.03
C GLY C 197 -24.42 46.36 -20.89
N ASP C 198 -23.82 46.21 -19.67
CA ASP C 198 -22.83 45.18 -19.31
C ASP C 198 -23.35 43.99 -18.44
N THR C 199 -23.15 42.73 -18.89
CA THR C 199 -23.53 41.50 -18.17
C THR C 199 -22.32 40.75 -17.57
N LEU C 200 -22.42 40.26 -16.30
CA LEU C 200 -21.32 39.57 -15.60
C LEU C 200 -21.62 38.24 -14.90
N VAL C 201 -21.00 37.17 -15.41
CA VAL C 201 -21.11 35.80 -14.87
C VAL C 201 -19.80 35.37 -14.10
N ILE C 202 -19.84 35.40 -12.74
CA ILE C 202 -18.70 35.01 -11.86
C ILE C 202 -18.80 33.56 -11.39
N ASP C 203 -17.99 32.66 -11.99
CA ASP C 203 -17.92 31.23 -11.68
C ASP C 203 -17.33 30.95 -10.28
N CYS C 204 -16.70 31.98 -9.67
CA CYS C 204 -16.16 31.88 -8.33
C CYS C 204 -17.30 32.07 -7.33
N HIS C 205 -17.92 33.27 -7.33
CA HIS C 205 -19.03 33.67 -6.47
C HIS C 205 -20.39 33.04 -6.85
N GLU C 206 -20.49 32.52 -8.08
CA GLU C 206 -21.69 31.91 -8.67
C GLU C 206 -22.86 32.91 -8.78
N ARG C 207 -22.55 34.11 -9.33
CA ARG C 207 -23.44 35.28 -9.48
C ARG C 207 -23.78 35.73 -10.92
N SER C 208 -25.03 36.22 -11.10
CA SER C 208 -25.62 36.77 -12.34
C SER C 208 -25.76 38.31 -12.16
N VAL C 209 -25.15 39.11 -13.08
CA VAL C 209 -25.12 40.58 -12.93
C VAL C 209 -25.47 41.38 -14.20
N THR C 210 -26.21 42.51 -14.02
CA THR C 210 -26.63 43.46 -15.06
C THR C 210 -25.83 44.80 -14.93
N LEU C 211 -26.37 45.91 -15.51
CA LEU C 211 -25.71 47.25 -15.45
C LEU C 211 -25.37 47.62 -14.00
N ASN C 212 -26.37 47.77 -13.15
CA ASN C 212 -26.16 48.08 -11.73
C ASN C 212 -26.07 46.82 -10.84
N GLY C 213 -25.80 45.69 -11.47
CA GLY C 213 -25.64 44.40 -10.80
C GLY C 213 -26.85 43.76 -10.15
N GLN C 214 -27.91 43.61 -10.95
CA GLN C 214 -29.18 43.04 -10.50
C GLN C 214 -29.21 41.55 -10.82
N ASP C 215 -29.53 40.71 -9.80
CA ASP C 215 -29.57 39.25 -9.90
C ASP C 215 -30.55 38.68 -10.94
N ILE C 216 -30.02 37.85 -11.87
CA ILE C 216 -30.79 37.16 -12.92
C ILE C 216 -30.78 35.66 -12.55
N MET C 217 -31.06 35.33 -11.27
CA MET C 217 -31.05 33.94 -10.78
C MET C 217 -31.60 32.89 -11.77
N PRO C 218 -32.78 33.08 -12.41
CA PRO C 218 -33.30 32.06 -13.34
C PRO C 218 -32.52 31.83 -14.64
N ALA C 219 -31.59 32.74 -14.99
CA ALA C 219 -30.78 32.70 -16.21
C ALA C 219 -30.10 31.34 -16.48
N LEU C 220 -29.45 30.74 -15.47
CA LEU C 220 -28.81 29.42 -15.63
C LEU C 220 -29.85 28.28 -15.77
N LEU C 221 -30.75 28.43 -16.73
CA LEU C 221 -31.87 27.51 -16.90
C LEU C 221 -31.99 25.98 -16.76
N ILE C 222 -31.05 25.28 -17.36
CA ILE C 222 -31.12 23.83 -17.59
C ILE C 222 -29.78 23.75 -16.85
N GLN C 223 -29.24 22.54 -16.58
CA GLN C 223 -27.92 22.44 -15.94
C GLN C 223 -26.83 22.87 -16.94
N SER C 224 -26.82 24.19 -17.24
CA SER C 224 -25.96 24.97 -18.13
C SER C 224 -24.90 25.37 -17.04
N ASP C 225 -23.95 24.44 -16.79
CA ASP C 225 -22.84 24.39 -15.80
C ASP C 225 -21.77 25.52 -15.83
N TRP C 226 -21.23 25.83 -14.65
CA TRP C 226 -20.10 26.74 -14.58
C TRP C 226 -18.96 25.85 -14.93
N ILE C 227 -17.97 26.42 -15.58
CA ILE C 227 -16.85 25.63 -16.02
C ILE C 227 -15.62 26.24 -15.43
N GLN C 228 -14.48 25.61 -15.65
CA GLN C 228 -13.26 26.12 -15.09
C GLN C 228 -12.12 26.10 -16.06
N LEU C 229 -11.15 26.94 -15.79
CA LEU C 229 -9.96 27.05 -16.65
C LEU C 229 -8.80 26.20 -16.06
N LYS C 230 -8.40 25.10 -16.74
CA LYS C 230 -7.31 24.23 -16.27
C LYS C 230 -5.95 24.94 -16.51
N PRO C 231 -4.93 24.70 -15.67
CA PRO C 231 -3.67 25.46 -15.85
C PRO C 231 -2.72 25.04 -16.96
N GLN C 232 -1.91 26.00 -17.46
CA GLN C 232 -0.88 25.84 -18.49
C GLN C 232 -1.40 25.25 -19.79
N VAL C 233 -2.71 25.36 -19.97
CA VAL C 233 -3.45 24.75 -21.06
C VAL C 233 -4.56 25.72 -21.56
N ASN C 234 -4.81 25.67 -22.89
CA ASN C 234 -5.84 26.46 -23.56
C ASN C 234 -7.24 25.95 -23.25
N THR C 235 -8.19 26.89 -23.13
CA THR C 235 -9.60 26.65 -22.90
C THR C 235 -10.30 27.33 -24.08
N TYR C 236 -11.04 26.57 -24.91
CA TYR C 236 -11.65 27.14 -26.10
C TYR C 236 -13.09 27.56 -25.87
N LEU C 237 -13.32 28.89 -25.89
CA LEU C 237 -14.61 29.53 -25.60
C LEU C 237 -15.15 30.33 -26.80
N LYS C 238 -16.48 30.30 -26.99
CA LYS C 238 -17.14 31.06 -28.06
C LYS C 238 -18.43 31.69 -27.55
N ALA C 239 -18.57 32.98 -27.80
CA ALA C 239 -19.70 33.76 -27.27
C ALA C 239 -20.67 34.23 -28.35
N THR C 240 -21.88 34.60 -27.95
CA THR C 240 -22.85 35.10 -28.91
C THR C 240 -22.55 36.56 -29.29
N GLN C 241 -22.02 37.35 -28.35
CA GLN C 241 -21.68 38.77 -28.54
C GLN C 241 -20.26 38.97 -28.06
N PRO C 242 -19.38 39.75 -28.75
CA PRO C 242 -18.00 39.94 -28.29
C PRO C 242 -17.95 40.17 -26.77
N SER C 243 -17.34 39.19 -26.07
CA SER C 243 -17.25 39.18 -24.62
C SER C 243 -15.84 39.42 -24.17
N THR C 244 -15.66 39.39 -22.85
CA THR C 244 -14.40 39.54 -22.17
C THR C 244 -14.41 38.54 -21.04
N ILE C 245 -13.34 37.75 -20.92
CA ILE C 245 -13.17 36.83 -19.82
C ILE C 245 -12.01 37.33 -18.95
N VAL C 246 -12.29 37.39 -17.65
CA VAL C 246 -11.32 37.79 -16.63
C VAL C 246 -11.25 36.66 -15.62
N PHE C 247 -10.05 36.14 -15.46
CA PHE C 247 -9.72 35.08 -14.51
C PHE C 247 -8.56 35.60 -13.68
N THR C 248 -8.39 35.01 -12.51
CA THR C 248 -7.26 35.37 -11.69
C THR C 248 -6.33 34.16 -11.52
N GLU C 249 -5.04 34.34 -11.89
CA GLU C 249 -3.99 33.32 -11.78
C GLU C 249 -3.93 32.84 -10.34
N LYS C 250 -3.83 31.51 -10.11
CA LYS C 250 -3.79 30.92 -8.76
C LYS C 250 -2.67 29.89 -8.65
N PHE C 251 -2.08 29.79 -7.46
CA PHE C 251 -0.97 28.87 -7.24
C PHE C 251 -1.12 28.18 -5.91
N LEU C 252 -0.59 26.92 -5.80
CA LEU C 252 -0.59 26.18 -4.53
C LEU C 252 0.72 26.40 -3.74
#